data_3ZXT
#
_entry.id   3ZXT
#
_cell.length_a   83.407
_cell.length_b   76.578
_cell.length_c   106.892
_cell.angle_alpha   90.00
_cell.angle_beta   92.01
_cell.angle_gamma   90.00
#
_symmetry.space_group_name_H-M   'P 1 21 1'
#
loop_
_entity.id
_entity.type
_entity.pdbx_description
1 polymer 'DEATH-ASSOCIATED PROTEIN KINASE 1'
2 non-polymer 'PHOSPHOMETHYLPHOSPHONIC ACID ADENYLATE ESTER'
3 non-polymer 'MAGNESIUM ION'
4 water water
#
_entity_poly.entity_id   1
_entity_poly.type   'polypeptide(L)'
_entity_poly.pdbx_seq_one_letter_code
;MTVFRQENVDDYYDTGEELGSGQFAVVKKCREKSTGLQYAAKFIKKRRTKSSRRGVSREDIEREVSILKEIQHPNVITLH
EVYENKTDVILILELVAGGELFDFLAEKESLTEEEATEFLKQILNGVYYLHSLQIAHFDLKPENIMLLDRNVPKPRIKII
DFGLAHKIDFGNEFKNIFGTPEFVAPEIVNYEPLGLEADMWSIGVITYILLSGASPFLGDTKQETLANVSAVNYEFEDEY
FSNTSALAKDFIRRLLVKDPKKRMTIQDSLQHPWIKPKDTQQALS
;
_entity_poly.pdbx_strand_id   A,B,C,D
#
# COMPACT_ATOMS: atom_id res chain seq x y z
N GLU A 7 -7.84 -10.84 14.50
CA GLU A 7 -6.56 -10.06 14.53
C GLU A 7 -6.81 -8.55 14.54
N ASN A 8 -5.98 -7.82 15.27
CA ASN A 8 -6.26 -6.40 15.55
C ASN A 8 -5.57 -5.41 14.64
N VAL A 9 -6.38 -4.71 13.86
CA VAL A 9 -5.91 -3.73 12.88
C VAL A 9 -5.25 -2.51 13.53
N ASP A 10 -5.58 -2.25 14.79
CA ASP A 10 -4.98 -1.13 15.51
C ASP A 10 -3.56 -1.44 15.98
N ASP A 11 -3.11 -2.67 15.75
CA ASP A 11 -1.71 -3.06 15.96
C ASP A 11 -0.81 -2.82 14.73
N TYR A 12 -1.40 -2.42 13.61
CA TYR A 12 -0.66 -2.24 12.36
C TYR A 12 -0.83 -0.86 11.75
N TYR A 13 -1.98 -0.25 12.01
CA TYR A 13 -2.33 1.05 11.45
C TYR A 13 -2.69 2.06 12.50
N ASP A 14 -2.27 3.29 12.28
CA ASP A 14 -2.73 4.45 13.04
C ASP A 14 -3.86 5.07 12.26
N THR A 15 -4.99 5.22 12.93
CA THR A 15 -6.22 5.68 12.29
C THR A 15 -6.27 7.21 12.18
N GLY A 16 -6.63 7.68 10.98
CA GLY A 16 -6.83 9.11 10.68
C GLY A 16 -8.32 9.44 10.74
N GLU A 17 -8.75 10.48 10.03
CA GLU A 17 -10.18 10.83 10.05
C GLU A 17 -10.85 10.63 8.70
N GLU A 18 -12.18 10.64 8.70
CA GLU A 18 -12.98 10.13 7.57
C GLU A 18 -12.74 10.81 6.21
N LEU A 19 -12.90 10.02 5.16
CA LEU A 19 -12.73 10.48 3.79
C LEU A 19 -14.04 10.27 3.06
N GLY A 20 -14.93 9.51 3.68
CA GLY A 20 -16.21 9.23 3.07
C GLY A 20 -17.18 8.51 3.98
N SER A 21 -18.43 8.48 3.53
CA SER A 21 -19.48 7.72 4.18
C SER A 21 -20.45 7.09 3.20
N GLY A 22 -21.23 6.13 3.69
CA GLY A 22 -22.35 5.53 2.98
C GLY A 22 -23.31 5.06 4.06
N GLN A 23 -24.27 4.20 3.68
CA GLN A 23 -25.24 3.68 4.67
C GLN A 23 -24.58 2.76 5.70
N PHE A 24 -23.75 1.83 5.24
CA PHE A 24 -23.15 0.83 6.16
C PHE A 24 -21.62 0.71 6.10
N ALA A 25 -20.97 1.81 5.72
CA ALA A 25 -19.53 1.85 5.57
C ALA A 25 -18.94 3.23 5.88
N VAL A 26 -17.84 3.23 6.63
CA VAL A 26 -17.06 4.45 6.79
C VAL A 26 -15.69 4.18 6.18
N VAL A 27 -15.21 5.13 5.40
CA VAL A 27 -13.87 5.04 4.88
C VAL A 27 -13.02 6.11 5.54
N LYS A 28 -12.04 5.67 6.32
CA LYS A 28 -11.12 6.58 7.01
C LYS A 28 -9.68 6.38 6.56
N LYS A 29 -8.91 7.46 6.62
CA LYS A 29 -7.49 7.47 6.31
C LYS A 29 -6.68 6.73 7.39
N CYS A 30 -5.66 6.00 6.98
CA CYS A 30 -4.95 5.10 7.87
C CYS A 30 -3.46 4.99 7.51
N ARG A 31 -2.61 5.22 8.51
CA ARG A 31 -1.16 5.14 8.35
C ARG A 31 -0.71 3.81 8.89
N GLU A 32 -0.01 3.07 8.04
CA GLU A 32 0.62 1.81 8.41
C GLU A 32 1.82 2.04 9.35
N LYS A 33 1.77 1.48 10.55
CA LYS A 33 2.86 1.63 11.47
C LYS A 33 4.22 1.24 10.89
N SER A 34 4.31 0.08 10.22
CA SER A 34 5.61 -0.45 9.84
C SER A 34 6.34 0.31 8.70
N THR A 35 5.57 0.85 7.76
CA THR A 35 6.12 1.42 6.53
C THR A 35 5.93 2.92 6.37
N GLY A 36 5.06 3.55 7.16
CA GLY A 36 4.79 4.98 7.07
C GLY A 36 3.81 5.38 5.96
N LEU A 37 3.53 4.44 5.05
CA LEU A 37 2.60 4.60 3.94
C LEU A 37 1.16 4.69 4.43
N GLN A 38 0.36 5.46 3.69
CA GLN A 38 -1.02 5.78 4.04
C GLN A 38 -1.97 5.03 3.15
N TYR A 39 -3.05 4.53 3.71
CA TYR A 39 -3.99 3.76 2.95
C TYR A 39 -5.40 4.25 3.27
N ALA A 40 -6.37 3.82 2.48
CA ALA A 40 -7.78 4.09 2.76
C ALA A 40 -8.47 2.85 3.37
N ALA A 41 -8.83 2.91 4.64
CA ALA A 41 -9.47 1.75 5.27
C ALA A 41 -11.01 1.82 5.17
N LYS A 42 -11.60 0.78 4.59
CA LYS A 42 -13.05 0.65 4.44
C LYS A 42 -13.61 -0.30 5.47
N PHE A 43 -14.26 0.27 6.47
CA PHE A 43 -14.94 -0.48 7.52
C PHE A 43 -16.37 -0.74 7.07
N ILE A 44 -16.64 -1.99 6.71
CA ILE A 44 -17.98 -2.42 6.33
C ILE A 44 -18.59 -3.15 7.54
N LYS A 45 -19.55 -2.49 8.20
CA LYS A 45 -20.34 -3.11 9.29
C LYS A 45 -21.12 -4.31 8.77
N LYS A 46 -20.88 -5.47 9.36
CA LYS A 46 -21.56 -6.70 8.96
C LYS A 46 -22.93 -6.77 9.61
N ARG A 47 -23.91 -7.30 8.87
CA ARG A 47 -25.26 -7.61 9.39
C ARG A 47 -25.10 -8.70 10.44
N ARG A 48 -25.66 -8.50 11.64
CA ARG A 48 -25.55 -9.47 12.73
C ARG A 48 -26.60 -10.60 12.69
N THR A 49 -27.37 -10.70 11.59
CA THR A 49 -28.39 -11.77 11.43
C THR A 49 -28.94 -11.94 10.00
N ARG A 58 -24.09 -9.83 3.56
CA ARG A 58 -22.74 -10.36 3.90
C ARG A 58 -22.48 -11.75 3.28
N GLU A 59 -21.29 -11.93 2.68
CA GLU A 59 -21.13 -12.75 1.45
C GLU A 59 -21.00 -11.78 0.25
N ASP A 60 -21.82 -10.71 0.25
CA ASP A 60 -21.62 -9.52 -0.59
C ASP A 60 -20.28 -8.91 -0.24
N ILE A 61 -19.82 -9.16 0.98
CA ILE A 61 -18.51 -8.68 1.42
C ILE A 61 -17.38 -9.57 0.86
N GLU A 62 -17.58 -10.90 0.81
CA GLU A 62 -16.59 -11.74 0.12
C GLU A 62 -16.57 -11.53 -1.40
N ARG A 63 -17.74 -11.24 -1.98
CA ARG A 63 -17.80 -10.89 -3.39
C ARG A 63 -16.88 -9.69 -3.63
N GLU A 64 -17.06 -8.65 -2.82
CA GLU A 64 -16.30 -7.44 -3.00
C GLU A 64 -14.80 -7.70 -2.87
N VAL A 65 -14.43 -8.55 -1.92
CA VAL A 65 -13.03 -8.80 -1.61
C VAL A 65 -12.39 -9.64 -2.71
N SER A 66 -13.08 -10.68 -3.15
CA SER A 66 -12.47 -11.59 -4.10
C SER A 66 -12.18 -10.88 -5.43
N ILE A 67 -13.07 -9.98 -5.83
CA ILE A 67 -12.91 -9.15 -7.04
C ILE A 67 -11.81 -8.07 -6.86
N LEU A 68 -11.82 -7.38 -5.73
CA LEU A 68 -10.74 -6.46 -5.47
C LEU A 68 -9.40 -7.23 -5.51
N LYS A 69 -9.38 -8.47 -5.02
CA LYS A 69 -8.15 -9.28 -4.99
C LYS A 69 -7.67 -9.65 -6.40
N GLU A 70 -8.62 -9.96 -7.28
CA GLU A 70 -8.22 -10.31 -8.65
C GLU A 70 -7.64 -9.16 -9.49
N ILE A 71 -8.11 -7.92 -9.30
CA ILE A 71 -7.81 -6.87 -10.27
C ILE A 71 -6.55 -6.10 -9.96
N GLN A 72 -5.83 -5.71 -11.02
CA GLN A 72 -4.73 -4.77 -10.93
C GLN A 72 -4.58 -3.96 -12.23
N HIS A 73 -4.86 -2.66 -12.15
CA HIS A 73 -4.84 -1.78 -13.29
C HIS A 73 -4.62 -0.36 -12.81
N PRO A 74 -3.83 0.45 -13.56
CA PRO A 74 -3.57 1.81 -13.13
C PRO A 74 -4.84 2.62 -12.80
N ASN A 75 -5.98 2.15 -13.30
CA ASN A 75 -7.21 2.94 -13.21
C ASN A 75 -8.24 2.31 -12.28
N VAL A 76 -7.79 1.33 -11.51
CA VAL A 76 -8.59 0.77 -10.46
C VAL A 76 -7.80 0.62 -9.19
N ILE A 77 -8.56 0.66 -8.12
CA ILE A 77 -8.01 0.71 -6.81
C ILE A 77 -7.53 -0.68 -6.48
N THR A 78 -6.41 -0.78 -5.75
CA THR A 78 -5.86 -2.09 -5.31
C THR A 78 -6.15 -2.33 -3.82
N LEU A 79 -6.25 -3.59 -3.42
CA LEU A 79 -6.52 -3.96 -2.06
C LEU A 79 -5.16 -4.23 -1.47
N HIS A 80 -5.01 -4.08 -0.17
CA HIS A 80 -3.72 -4.25 0.45
C HIS A 80 -3.73 -5.35 1.48
N GLU A 81 -4.76 -5.35 2.34
CA GLU A 81 -4.95 -6.36 3.37
C GLU A 81 -6.41 -6.33 3.75
N VAL A 82 -6.84 -7.27 4.59
CA VAL A 82 -8.24 -7.39 5.01
C VAL A 82 -8.35 -7.80 6.48
N TYR A 83 -9.16 -7.08 7.23
CA TYR A 83 -9.28 -7.41 8.64
C TYR A 83 -10.72 -7.59 9.09
N GLU A 84 -10.87 -8.38 10.14
CA GLU A 84 -12.17 -8.61 10.73
C GLU A 84 -12.15 -8.39 12.26
N ASN A 85 -13.05 -7.53 12.74
CA ASN A 85 -13.29 -7.39 14.18
C ASN A 85 -14.67 -7.94 14.55
N LYS A 86 -15.16 -7.61 15.74
CA LYS A 86 -16.43 -8.13 16.21
C LYS A 86 -17.56 -7.77 15.26
N THR A 87 -17.62 -6.51 14.83
CA THR A 87 -18.80 -6.00 14.08
C THR A 87 -18.53 -5.20 12.81
N ASP A 88 -17.29 -5.13 12.40
CA ASP A 88 -16.97 -4.51 11.13
C ASP A 88 -15.94 -5.40 10.43
N VAL A 89 -16.02 -5.50 9.11
CA VAL A 89 -15.00 -6.21 8.32
C VAL A 89 -14.22 -5.16 7.51
N ILE A 90 -12.89 -5.11 7.70
CA ILE A 90 -12.10 -3.92 7.32
C ILE A 90 -11.22 -4.16 6.07
N LEU A 91 -11.30 -3.23 5.11
CA LEU A 91 -10.58 -3.34 3.85
C LEU A 91 -9.55 -2.23 3.74
N ILE A 92 -8.28 -2.60 3.83
CA ILE A 92 -7.20 -1.66 3.62
C ILE A 92 -7.00 -1.51 2.14
N LEU A 93 -7.24 -0.32 1.60
CA LEU A 93 -7.24 -0.14 0.16
C LEU A 93 -6.30 0.92 -0.25
N GLU A 94 -5.83 0.82 -1.48
CA GLU A 94 -5.09 1.90 -2.07
C GLU A 94 -5.76 3.25 -1.75
N LEU A 95 -4.98 4.17 -1.20
CA LEU A 95 -5.43 5.54 -0.94
C LEU A 95 -5.56 6.29 -2.24
N VAL A 96 -6.57 7.16 -2.36
CA VAL A 96 -6.59 8.11 -3.47
C VAL A 96 -6.88 9.51 -2.95
N ALA A 97 -5.97 10.44 -3.22
CA ALA A 97 -5.97 11.72 -2.49
C ALA A 97 -6.68 12.91 -3.14
N GLY A 98 -6.96 12.84 -4.44
CA GLY A 98 -7.54 14.00 -5.13
C GLY A 98 -9.06 14.19 -5.01
N GLY A 99 -9.66 13.49 -4.04
CA GLY A 99 -11.11 13.47 -3.88
C GLY A 99 -11.89 12.93 -5.07
N GLU A 100 -13.21 13.07 -5.02
CA GLU A 100 -14.13 12.54 -6.05
C GLU A 100 -14.19 13.38 -7.32
N LEU A 101 -14.18 12.72 -8.46
CA LEU A 101 -14.52 13.41 -9.71
C LEU A 101 -15.80 14.20 -9.54
N PHE A 102 -16.77 13.62 -8.81
CA PHE A 102 -17.95 14.37 -8.31
C PHE A 102 -17.61 15.81 -7.76
N ASP A 103 -16.56 15.92 -6.94
CA ASP A 103 -16.16 17.20 -6.34
C ASP A 103 -15.39 18.09 -7.29
N PHE A 104 -14.54 17.48 -8.12
CA PHE A 104 -13.87 18.19 -9.20
C PHE A 104 -14.93 18.70 -10.18
N LEU A 105 -15.92 17.84 -10.43
CA LEU A 105 -17.12 18.20 -11.21
C LEU A 105 -17.94 19.32 -10.56
N ALA A 106 -17.98 19.42 -9.25
CA ALA A 106 -18.66 20.58 -8.62
C ALA A 106 -17.86 21.88 -8.74
N GLU A 107 -16.56 21.85 -8.46
CA GLU A 107 -15.76 23.09 -8.50
C GLU A 107 -15.71 23.61 -9.94
N LYS A 108 -15.37 22.72 -10.85
CA LYS A 108 -15.57 22.98 -12.28
C LYS A 108 -17.08 22.79 -12.39
N GLU A 109 -17.81 23.58 -13.17
CA GLU A 109 -19.24 23.36 -13.24
C GLU A 109 -19.59 22.33 -14.32
N SER A 110 -18.81 22.36 -15.42
CA SER A 110 -18.73 21.27 -16.41
C SER A 110 -17.34 21.29 -17.09
N LEU A 111 -17.13 20.47 -18.12
CA LEU A 111 -15.82 20.37 -18.80
C LEU A 111 -15.90 20.69 -20.27
N THR A 112 -14.81 21.22 -20.84
CA THR A 112 -14.68 21.24 -22.30
C THR A 112 -14.56 19.80 -22.79
N GLU A 113 -14.74 19.61 -24.09
CA GLU A 113 -14.72 18.28 -24.64
C GLU A 113 -13.34 17.67 -24.45
N GLU A 114 -12.31 18.50 -24.57
CA GLU A 114 -10.92 18.02 -24.49
C GLU A 114 -10.62 17.43 -23.12
N GLU A 115 -11.15 18.04 -22.06
CA GLU A 115 -10.95 17.52 -20.70
C GLU A 115 -11.82 16.31 -20.43
N ALA A 116 -13.05 16.37 -20.90
CA ALA A 116 -13.97 15.27 -20.72
C ALA A 116 -13.38 14.01 -21.34
N THR A 117 -12.85 14.17 -22.54
CA THR A 117 -12.24 13.09 -23.28
C THR A 117 -11.00 12.53 -22.54
N GLU A 118 -10.19 13.39 -21.93
CA GLU A 118 -9.06 12.87 -21.16
C GLU A 118 -9.37 12.26 -19.80
N PHE A 119 -10.49 12.61 -19.16
CA PHE A 119 -11.02 11.79 -18.03
C PHE A 119 -11.58 10.50 -18.58
N LEU A 120 -12.44 10.67 -19.60
CA LEU A 120 -13.17 9.57 -20.17
C LEU A 120 -12.24 8.51 -20.74
N LYS A 121 -11.13 8.89 -21.38
CA LYS A 121 -10.14 7.87 -21.80
C LYS A 121 -9.71 6.95 -20.64
N GLN A 122 -9.42 7.52 -19.47
CA GLN A 122 -8.94 6.71 -18.34
C GLN A 122 -10.06 5.77 -17.89
N ILE A 123 -11.26 6.31 -17.77
CA ILE A 123 -12.35 5.53 -17.25
C ILE A 123 -12.56 4.35 -18.24
N LEU A 124 -12.73 4.68 -19.50
CA LEU A 124 -12.81 3.65 -20.55
C LEU A 124 -11.83 2.52 -20.39
N ASN A 125 -10.57 2.88 -20.16
CA ASN A 125 -9.47 1.88 -19.95
C ASN A 125 -9.65 1.01 -18.74
N GLY A 126 -10.16 1.58 -17.65
CA GLY A 126 -10.39 0.80 -16.46
C GLY A 126 -11.48 -0.22 -16.74
N VAL A 127 -12.55 0.21 -17.40
CA VAL A 127 -13.66 -0.67 -17.64
C VAL A 127 -13.29 -1.74 -18.69
N TYR A 128 -12.43 -1.39 -19.62
CA TYR A 128 -12.04 -2.33 -20.62
C TYR A 128 -11.43 -3.50 -19.93
N TYR A 129 -10.52 -3.17 -19.02
CA TYR A 129 -9.73 -4.14 -18.30
C TYR A 129 -10.67 -5.09 -17.54
N LEU A 130 -11.54 -4.49 -16.72
CA LEU A 130 -12.59 -5.18 -15.99
C LEU A 130 -13.47 -6.09 -16.84
N HIS A 131 -13.96 -5.55 -17.96
CA HIS A 131 -14.75 -6.34 -18.88
C HIS A 131 -13.94 -7.45 -19.49
N SER A 132 -12.62 -7.32 -19.52
CA SER A 132 -11.83 -8.43 -20.06
C SER A 132 -11.78 -9.62 -19.09
N LEU A 133 -12.13 -9.35 -17.83
CA LEU A 133 -12.14 -10.36 -16.80
C LEU A 133 -13.56 -10.80 -16.42
N GLN A 134 -14.52 -10.49 -17.31
CA GLN A 134 -15.97 -10.66 -17.09
C GLN A 134 -16.49 -9.94 -15.83
N ILE A 135 -15.79 -8.93 -15.38
CA ILE A 135 -16.27 -8.22 -14.22
C ILE A 135 -17.19 -7.09 -14.65
N ALA A 136 -18.40 -7.03 -14.08
CA ALA A 136 -19.23 -5.84 -14.28
C ALA A 136 -19.29 -5.04 -12.99
N HIS A 137 -19.06 -3.72 -13.10
CA HIS A 137 -18.98 -2.83 -11.95
C HIS A 137 -20.33 -2.53 -11.37
N PHE A 138 -21.32 -2.17 -12.21
CA PHE A 138 -22.74 -1.98 -11.82
C PHE A 138 -23.02 -0.78 -10.93
N ASP A 139 -22.01 0.05 -10.70
CA ASP A 139 -22.17 1.23 -9.87
C ASP A 139 -21.30 2.40 -10.41
N LEU A 140 -20.99 2.39 -11.72
CA LEU A 140 -20.24 3.49 -12.34
C LEU A 140 -21.01 4.81 -12.19
N LYS A 141 -20.38 5.76 -11.50
CA LYS A 141 -20.92 7.12 -11.26
C LYS A 141 -19.84 8.00 -10.66
N PRO A 142 -19.94 9.33 -10.80
CA PRO A 142 -18.85 10.19 -10.32
C PRO A 142 -18.42 10.00 -8.84
N GLU A 143 -19.34 9.76 -7.90
CA GLU A 143 -18.94 9.55 -6.48
C GLU A 143 -18.07 8.28 -6.31
N ASN A 144 -18.04 7.43 -7.33
CA ASN A 144 -17.26 6.24 -7.28
C ASN A 144 -16.01 6.36 -8.16
N ILE A 145 -15.78 7.55 -8.71
CA ILE A 145 -14.56 7.84 -9.47
C ILE A 145 -13.75 8.90 -8.77
N MET A 146 -12.44 8.71 -8.74
CA MET A 146 -11.61 9.36 -7.74
C MET A 146 -10.38 9.90 -8.42
N LEU A 147 -9.96 11.09 -8.00
CA LEU A 147 -8.72 11.69 -8.50
C LEU A 147 -7.51 11.30 -7.64
N LEU A 148 -6.36 11.07 -8.29
CA LEU A 148 -5.04 10.95 -7.66
C LEU A 148 -4.50 12.28 -7.13
N ASP A 149 -4.40 13.28 -8.00
CA ASP A 149 -3.93 14.60 -7.64
C ASP A 149 -4.83 15.57 -8.36
N ARG A 150 -5.37 16.55 -7.62
CA ARG A 150 -6.50 17.41 -8.07
C ARG A 150 -6.11 18.67 -8.88
N VAL A 152 -1.96 18.33 -11.11
CA VAL A 152 -1.98 18.19 -12.56
C VAL A 152 -3.14 18.98 -13.21
N PRO A 153 -2.91 19.63 -14.37
CA PRO A 153 -4.05 20.19 -15.09
C PRO A 153 -4.88 19.12 -15.77
N LYS A 154 -4.24 17.98 -16.06
CA LYS A 154 -4.93 16.86 -16.70
C LYS A 154 -4.94 15.65 -15.72
N PRO A 155 -5.81 15.71 -14.69
CA PRO A 155 -5.73 14.79 -13.52
C PRO A 155 -5.95 13.28 -13.81
N ARG A 156 -5.52 12.45 -12.84
CA ARG A 156 -5.50 11.00 -12.97
C ARG A 156 -6.61 10.30 -12.14
N ILE A 157 -7.42 9.44 -12.75
CA ILE A 157 -8.52 8.84 -11.99
C ILE A 157 -8.29 7.39 -11.62
N LYS A 158 -8.92 6.98 -10.52
CA LYS A 158 -9.03 5.60 -10.20
C LYS A 158 -10.50 5.20 -9.92
N ILE A 159 -10.95 4.12 -10.58
CA ILE A 159 -12.30 3.57 -10.29
C ILE A 159 -12.36 2.92 -8.90
N ILE A 160 -13.29 3.40 -8.08
CA ILE A 160 -13.41 2.81 -6.77
C ILE A 160 -14.80 2.13 -6.63
N ASP A 161 -15.07 1.66 -5.41
CA ASP A 161 -16.36 1.15 -4.90
C ASP A 161 -16.83 -0.05 -5.65
N PHE A 162 -16.41 -1.20 -5.18
CA PHE A 162 -16.76 -2.43 -5.83
C PHE A 162 -17.82 -3.15 -5.03
N GLY A 163 -17.98 -4.42 -5.32
CA GLY A 163 -19.15 -5.13 -4.73
C GLY A 163 -20.54 -4.49 -4.87
N LEU A 164 -20.84 -3.87 -6.00
CA LEU A 164 -22.01 -4.25 -6.75
C LEU A 164 -21.37 -5.00 -7.95
N ALA A 165 -20.03 -4.96 -8.02
CA ALA A 165 -19.28 -5.65 -9.07
C ALA A 165 -19.58 -7.15 -9.03
N HIS A 166 -19.71 -7.77 -10.19
CA HIS A 166 -20.06 -9.19 -10.28
C HIS A 166 -19.33 -9.79 -11.46
N LYS A 167 -18.86 -11.03 -11.32
CA LYS A 167 -18.46 -11.89 -12.45
C LYS A 167 -19.67 -12.27 -13.30
N ILE A 168 -19.63 -11.96 -14.60
CA ILE A 168 -20.74 -12.23 -15.50
C ILE A 168 -20.39 -13.52 -16.26
N ASP A 169 -21.33 -14.47 -16.34
CA ASP A 169 -21.14 -15.68 -17.19
C ASP A 169 -21.95 -15.57 -18.47
N GLU A 182 -41.93 -26.29 -19.05
CA GLU A 182 -43.06 -27.21 -18.75
C GLU A 182 -43.51 -27.25 -17.28
N PHE A 183 -42.55 -27.12 -16.37
CA PHE A 183 -42.83 -26.89 -14.95
C PHE A 183 -42.31 -25.49 -14.61
N VAL A 184 -41.60 -24.87 -15.56
CA VAL A 184 -40.93 -23.62 -15.23
C VAL A 184 -41.93 -22.49 -15.18
N ALA A 185 -41.72 -21.58 -14.24
CA ALA A 185 -42.54 -20.42 -14.03
C ALA A 185 -42.22 -19.35 -15.04
N PRO A 186 -43.24 -18.53 -15.34
CA PRO A 186 -43.19 -17.36 -16.23
C PRO A 186 -41.97 -16.47 -16.06
N GLU A 187 -41.54 -16.21 -14.83
CA GLU A 187 -40.41 -15.30 -14.65
C GLU A 187 -39.07 -15.96 -14.94
N ILE A 188 -39.04 -17.30 -14.95
CA ILE A 188 -37.90 -18.03 -15.47
C ILE A 188 -38.01 -17.97 -16.99
N VAL A 189 -39.11 -18.48 -17.54
CA VAL A 189 -39.26 -18.58 -18.99
C VAL A 189 -38.73 -17.34 -19.74
N ASN A 190 -39.05 -16.15 -19.27
CA ASN A 190 -38.44 -14.95 -19.83
C ASN A 190 -37.43 -14.27 -18.93
N TYR A 191 -36.52 -15.07 -18.34
CA TYR A 191 -35.47 -14.50 -17.47
C TYR A 191 -34.68 -13.32 -18.08
N GLU A 192 -33.66 -13.54 -18.90
CA GLU A 192 -32.75 -12.42 -19.37
C GLU A 192 -31.87 -11.86 -18.25
N PRO A 193 -30.63 -12.39 -18.11
CA PRO A 193 -29.70 -11.92 -17.07
C PRO A 193 -29.00 -10.64 -17.46
N LEU A 194 -28.53 -9.90 -16.44
CA LEU A 194 -27.81 -8.64 -16.60
C LEU A 194 -26.36 -8.84 -17.01
N GLY A 195 -25.75 -7.81 -17.57
CA GLY A 195 -24.40 -7.95 -18.01
C GLY A 195 -23.57 -6.68 -18.05
N LEU A 196 -22.50 -6.78 -18.84
CA LEU A 196 -21.47 -5.76 -18.95
C LEU A 196 -22.04 -4.52 -19.55
N GLU A 197 -22.99 -4.69 -20.45
CA GLU A 197 -23.69 -3.55 -21.08
C GLU A 197 -24.24 -2.54 -20.07
N ALA A 198 -24.56 -2.96 -18.85
CA ALA A 198 -25.11 -1.96 -17.93
C ALA A 198 -24.05 -0.89 -17.65
N ASP A 199 -22.77 -1.29 -17.54
CA ASP A 199 -21.67 -0.37 -17.33
C ASP A 199 -21.63 0.74 -18.41
N MET A 200 -21.48 0.34 -19.68
CA MET A 200 -21.65 1.20 -20.85
C MET A 200 -22.80 2.25 -20.77
N TRP A 201 -23.95 1.80 -20.33
CA TRP A 201 -25.03 2.75 -20.14
C TRP A 201 -24.68 3.82 -19.14
N SER A 202 -24.10 3.40 -18.03
CA SER A 202 -23.66 4.38 -17.02
C SER A 202 -22.63 5.37 -17.59
N ILE A 203 -21.74 4.87 -18.46
CA ILE A 203 -20.72 5.69 -19.09
C ILE A 203 -21.33 6.81 -19.95
N GLY A 204 -22.33 6.46 -20.77
CA GLY A 204 -23.16 7.48 -21.44
C GLY A 204 -23.77 8.50 -20.45
N VAL A 205 -24.35 8.02 -19.35
CA VAL A 205 -24.97 8.96 -18.40
C VAL A 205 -23.89 9.85 -17.76
N ILE A 206 -22.69 9.26 -17.58
CA ILE A 206 -21.57 9.99 -16.99
C ILE A 206 -21.09 11.09 -17.96
N THR A 207 -20.98 10.71 -19.23
CA THR A 207 -20.54 11.62 -20.22
C THR A 207 -21.51 12.78 -20.38
N TYR A 208 -22.79 12.48 -20.40
CA TYR A 208 -23.76 13.51 -20.57
C TYR A 208 -23.56 14.58 -19.46
N ILE A 209 -23.32 14.12 -18.21
CA ILE A 209 -23.20 15.00 -17.03
C ILE A 209 -21.90 15.78 -17.15
N LEU A 210 -20.85 15.09 -17.58
CA LEU A 210 -19.53 15.68 -17.78
C LEU A 210 -19.60 16.95 -18.66
N LEU A 211 -20.32 16.90 -19.77
CA LEU A 211 -20.41 18.01 -20.71
C LEU A 211 -21.45 19.10 -20.43
N SER A 212 -22.36 18.86 -19.50
CA SER A 212 -23.44 19.79 -19.18
C SER A 212 -23.51 19.97 -17.68
N GLY A 213 -24.29 20.93 -17.23
CA GLY A 213 -24.62 20.87 -15.82
C GLY A 213 -25.01 19.44 -15.37
N ALA A 214 -25.80 18.76 -16.21
CA ALA A 214 -27.03 18.03 -15.87
C ALA A 214 -27.14 16.52 -16.04
N SER A 215 -28.15 15.98 -15.42
CA SER A 215 -28.36 14.54 -15.38
C SER A 215 -29.50 14.15 -16.30
N PRO A 216 -29.19 13.35 -17.33
CA PRO A 216 -30.10 13.26 -18.50
C PRO A 216 -31.49 12.74 -18.18
N PHE A 217 -31.61 11.85 -17.20
CA PHE A 217 -32.90 11.30 -16.86
C PHE A 217 -33.69 11.91 -15.68
N LEU A 218 -33.04 12.68 -14.82
CA LEU A 218 -33.70 13.18 -13.58
C LEU A 218 -35.11 13.75 -13.80
N GLY A 219 -36.08 13.30 -13.03
CA GLY A 219 -37.42 13.89 -13.08
C GLY A 219 -37.68 14.63 -11.80
N ASP A 220 -38.90 15.12 -11.55
CA ASP A 220 -39.15 15.81 -10.28
C ASP A 220 -39.45 14.86 -9.11
N THR A 221 -39.29 13.55 -9.31
CA THR A 221 -39.64 12.50 -8.32
C THR A 221 -38.91 11.24 -8.69
N LYS A 222 -38.80 10.27 -7.76
CA LYS A 222 -38.08 9.02 -8.13
C LYS A 222 -38.87 8.24 -9.20
N GLN A 223 -40.16 8.08 -8.97
CA GLN A 223 -41.09 7.44 -9.91
C GLN A 223 -40.75 7.91 -11.31
N GLU A 224 -40.84 9.24 -11.48
CA GLU A 224 -40.58 9.91 -12.75
C GLU A 224 -39.18 9.61 -13.34
N THR A 225 -38.17 9.52 -12.49
CA THR A 225 -36.86 9.30 -12.99
C THR A 225 -36.77 7.89 -13.56
N LEU A 226 -37.31 6.91 -12.79
CA LEU A 226 -37.36 5.52 -13.24
C LEU A 226 -38.15 5.36 -14.53
N ALA A 227 -39.28 6.04 -14.63
CA ALA A 227 -40.03 6.05 -15.86
C ALA A 227 -39.17 6.63 -16.96
N ASN A 228 -38.37 7.65 -16.64
CA ASN A 228 -37.53 8.31 -17.64
C ASN A 228 -36.46 7.42 -18.20
N VAL A 229 -35.80 6.70 -17.30
CA VAL A 229 -34.75 5.78 -17.67
C VAL A 229 -35.34 4.65 -18.53
N SER A 230 -36.47 4.05 -18.11
CA SER A 230 -37.13 2.98 -18.92
C SER A 230 -37.51 3.38 -20.35
N ALA A 231 -38.14 4.54 -20.49
CA ALA A 231 -38.57 5.07 -21.80
C ALA A 231 -37.40 5.74 -22.52
N VAL A 232 -36.21 5.73 -21.91
CA VAL A 232 -35.01 6.35 -22.52
C VAL A 232 -35.36 7.76 -22.99
N ASN A 233 -35.98 8.48 -22.10
CA ASN A 233 -36.54 9.74 -22.39
C ASN A 233 -35.62 10.85 -21.92
N TYR A 234 -34.69 11.21 -22.80
CA TYR A 234 -33.79 12.34 -22.61
C TYR A 234 -33.70 13.18 -23.90
N GLU A 235 -33.31 14.43 -23.73
CA GLU A 235 -32.93 15.29 -24.88
C GLU A 235 -31.62 15.98 -24.57
N PHE A 236 -30.93 16.41 -25.63
CA PHE A 236 -29.78 17.33 -25.52
C PHE A 236 -30.27 18.74 -25.52
N GLU A 237 -30.67 19.30 -24.38
CA GLU A 237 -31.23 20.67 -24.42
C GLU A 237 -30.20 21.80 -24.76
N ASP A 238 -30.69 22.77 -25.52
CA ASP A 238 -29.88 23.82 -26.03
C ASP A 238 -29.12 24.58 -24.99
N GLU A 239 -29.71 24.77 -23.82
CA GLU A 239 -29.02 25.42 -22.73
C GLU A 239 -27.58 24.91 -22.54
N TYR A 240 -27.36 23.64 -22.89
CA TYR A 240 -26.07 22.99 -22.63
C TYR A 240 -25.38 22.48 -23.88
N PHE A 241 -26.13 22.08 -24.89
CA PHE A 241 -25.57 21.25 -25.95
C PHE A 241 -25.57 21.96 -27.31
N SER A 242 -25.97 23.23 -27.30
CA SER A 242 -26.07 24.03 -28.52
C SER A 242 -24.79 24.04 -29.35
N ASN A 243 -23.61 23.90 -28.74
CA ASN A 243 -22.39 23.88 -29.51
C ASN A 243 -21.60 22.57 -29.47
N THR A 244 -21.95 21.69 -28.54
CA THR A 244 -21.46 20.33 -28.58
C THR A 244 -21.27 19.76 -29.98
N SER A 245 -20.08 19.20 -30.21
CA SER A 245 -19.72 18.49 -31.43
C SER A 245 -20.69 17.38 -31.77
N ALA A 246 -20.88 17.20 -33.08
CA ALA A 246 -21.59 16.02 -33.61
C ALA A 246 -21.02 14.73 -32.97
N LEU A 247 -19.69 14.63 -33.00
CA LEU A 247 -19.00 13.46 -32.50
C LEU A 247 -19.30 13.18 -31.04
N ALA A 248 -19.38 14.24 -30.21
CA ALA A 248 -19.76 14.02 -28.81
C ALA A 248 -21.21 13.55 -28.64
N LYS A 249 -22.14 14.09 -29.41
CA LYS A 249 -23.54 13.66 -29.38
C LYS A 249 -23.68 12.20 -29.81
N ASP A 250 -22.94 11.85 -30.87
CA ASP A 250 -22.92 10.49 -31.41
C ASP A 250 -22.51 9.44 -30.40
N PHE A 251 -21.35 9.67 -29.76
CA PHE A 251 -20.85 8.86 -28.65
C PHE A 251 -21.91 8.61 -27.57
N ILE A 252 -22.53 9.69 -27.08
CA ILE A 252 -23.62 9.55 -26.11
C ILE A 252 -24.82 8.77 -26.61
N ARG A 253 -25.30 9.12 -27.80
CA ARG A 253 -26.52 8.50 -28.33
C ARG A 253 -26.30 7.02 -28.47
N ARG A 254 -25.08 6.62 -28.85
CA ARG A 254 -24.80 5.22 -29.11
C ARG A 254 -24.69 4.40 -27.85
N LEU A 255 -24.63 5.04 -26.69
CA LEU A 255 -24.52 4.31 -25.44
C LEU A 255 -25.84 4.34 -24.65
N LEU A 256 -26.68 5.36 -24.90
CA LEU A 256 -27.98 5.39 -24.26
C LEU A 256 -29.04 4.79 -25.14
N VAL A 257 -29.00 3.48 -25.21
CA VAL A 257 -29.79 2.67 -26.13
C VAL A 257 -30.49 1.61 -25.28
N LYS A 258 -31.84 1.58 -25.29
CA LYS A 258 -32.64 0.66 -24.41
C LYS A 258 -32.28 -0.81 -24.45
N ASP A 259 -32.05 -1.36 -25.62
CA ASP A 259 -31.75 -2.78 -25.66
C ASP A 259 -30.24 -3.03 -25.66
N PRO A 260 -29.75 -3.68 -24.58
CA PRO A 260 -28.31 -3.83 -24.28
C PRO A 260 -27.51 -4.43 -25.46
N LYS A 261 -28.14 -5.26 -26.27
CA LYS A 261 -27.39 -5.92 -27.32
C LYS A 261 -27.02 -4.96 -28.47
N LYS A 262 -27.65 -3.79 -28.50
CA LYS A 262 -27.34 -2.76 -29.48
C LYS A 262 -26.55 -1.52 -28.93
N ARG A 263 -26.25 -1.53 -27.64
CA ARG A 263 -25.38 -0.54 -27.02
C ARG A 263 -23.97 -0.77 -27.46
N MET A 264 -23.26 0.30 -27.71
CA MET A 264 -21.84 0.19 -27.99
C MET A 264 -21.16 -0.52 -26.75
N THR A 265 -20.19 -1.35 -27.08
CA THR A 265 -19.48 -2.12 -26.10
C THR A 265 -18.28 -1.30 -25.68
N ILE A 266 -17.63 -1.69 -24.58
CA ILE A 266 -16.30 -1.15 -24.29
C ILE A 266 -15.34 -1.09 -25.54
N GLN A 267 -15.16 -2.18 -26.27
CA GLN A 267 -14.18 -2.17 -27.39
C GLN A 267 -14.47 -1.10 -28.45
N ASP A 268 -15.73 -1.01 -28.86
CA ASP A 268 -16.16 0.02 -29.79
C ASP A 268 -15.92 1.36 -29.19
N SER A 269 -16.18 1.52 -27.89
CA SER A 269 -16.19 2.87 -27.35
C SER A 269 -14.79 3.45 -27.41
N LEU A 270 -13.76 2.61 -27.23
CA LEU A 270 -12.36 3.06 -27.32
C LEU A 270 -11.89 3.44 -28.70
N GLN A 271 -12.61 3.00 -29.73
CA GLN A 271 -12.32 3.36 -31.13
C GLN A 271 -13.15 4.55 -31.63
N HIS A 272 -14.22 4.90 -30.93
CA HIS A 272 -15.06 5.98 -31.37
C HIS A 272 -14.28 7.26 -31.66
N PRO A 273 -14.47 7.87 -32.86
CA PRO A 273 -13.54 8.96 -33.33
C PRO A 273 -13.48 10.15 -32.37
N TRP A 274 -14.43 10.23 -31.44
CA TRP A 274 -14.43 11.23 -30.40
C TRP A 274 -13.40 10.90 -29.39
N ILE A 275 -13.11 9.61 -29.22
CA ILE A 275 -12.01 9.15 -28.35
C ILE A 275 -10.69 9.12 -29.09
N LYS A 276 -10.72 8.87 -30.41
CA LYS A 276 -9.58 9.10 -31.32
C LYS A 276 -9.35 10.64 -31.58
N GLU B 7 -9.43 -38.87 -2.96
CA GLU B 7 -10.67 -39.67 -2.75
C GLU B 7 -10.76 -40.81 -3.78
N ASN B 8 -11.15 -42.02 -3.37
CA ASN B 8 -11.35 -43.13 -4.35
C ASN B 8 -12.47 -44.13 -4.01
N VAL B 9 -13.64 -43.93 -4.60
CA VAL B 9 -14.88 -44.48 -4.05
C VAL B 9 -15.00 -46.01 -4.11
N ASP B 10 -14.42 -46.63 -5.12
CA ASP B 10 -14.54 -48.10 -5.21
C ASP B 10 -13.85 -48.88 -4.08
N ASP B 11 -12.91 -48.23 -3.39
CA ASP B 11 -12.31 -48.78 -2.17
C ASP B 11 -13.31 -48.98 -1.04
N TYR B 12 -14.34 -48.13 -1.00
CA TYR B 12 -15.28 -48.10 0.10
C TYR B 12 -16.71 -48.44 -0.26
N TYR B 13 -17.04 -48.52 -1.54
CA TYR B 13 -18.40 -48.90 -1.95
C TYR B 13 -18.45 -49.92 -3.07
N ASP B 14 -19.28 -50.95 -2.92
CA ASP B 14 -19.63 -51.85 -4.02
C ASP B 14 -20.77 -51.22 -4.81
N THR B 15 -20.52 -50.99 -6.09
CA THR B 15 -21.52 -50.41 -6.99
C THR B 15 -22.71 -51.35 -7.15
N GLY B 16 -23.87 -50.78 -7.52
CA GLY B 16 -25.08 -51.55 -7.71
C GLY B 16 -25.78 -51.26 -9.03
N GLU B 17 -27.09 -51.47 -9.03
CA GLU B 17 -27.92 -51.26 -10.22
C GLU B 17 -28.06 -49.77 -10.50
N GLU B 18 -28.20 -49.41 -11.79
CA GLU B 18 -28.48 -48.03 -12.16
C GLU B 18 -29.84 -47.67 -11.63
N LEU B 19 -29.94 -46.55 -10.95
CA LEU B 19 -31.19 -46.09 -10.34
C LEU B 19 -31.84 -44.98 -11.15
N GLY B 20 -31.25 -44.63 -12.28
CA GLY B 20 -31.63 -43.41 -12.94
C GLY B 20 -30.47 -42.65 -13.55
N SER B 21 -30.80 -41.74 -14.47
CA SER B 21 -29.87 -41.14 -15.42
C SER B 21 -30.30 -39.70 -15.78
N GLY B 22 -29.41 -38.98 -16.46
CA GLY B 22 -29.64 -37.64 -17.00
C GLY B 22 -28.64 -37.24 -18.08
N GLN B 23 -28.62 -35.97 -18.43
CA GLN B 23 -27.67 -35.44 -19.43
C GLN B 23 -26.29 -35.38 -18.85
N PHE B 24 -26.22 -35.00 -17.58
CA PHE B 24 -24.93 -34.84 -16.91
C PHE B 24 -24.68 -35.72 -15.69
N ALA B 25 -25.63 -36.58 -15.30
CA ALA B 25 -25.35 -37.41 -14.14
C ALA B 25 -25.87 -38.81 -14.23
N VAL B 26 -25.25 -39.71 -13.48
CA VAL B 26 -25.78 -41.05 -13.36
C VAL B 26 -25.88 -41.43 -11.89
N VAL B 27 -26.97 -42.08 -11.51
CA VAL B 27 -27.20 -42.40 -10.11
C VAL B 27 -27.32 -43.89 -9.93
N LYS B 28 -26.58 -44.43 -8.97
CA LYS B 28 -26.56 -45.89 -8.75
C LYS B 28 -26.69 -46.21 -7.28
N LYS B 29 -27.21 -47.38 -6.98
CA LYS B 29 -27.23 -47.91 -5.63
C LYS B 29 -25.82 -48.42 -5.26
N CYS B 30 -25.34 -48.10 -4.08
CA CYS B 30 -24.04 -48.62 -3.64
C CYS B 30 -24.18 -49.08 -2.20
N ARG B 31 -23.34 -50.03 -1.76
CA ARG B 31 -23.38 -50.47 -0.35
C ARG B 31 -22.09 -50.07 0.32
N GLU B 32 -22.21 -49.36 1.46
CA GLU B 32 -21.04 -48.90 2.19
C GLU B 32 -20.34 -50.13 2.75
N LYS B 33 -19.13 -50.43 2.23
CA LYS B 33 -18.38 -51.64 2.67
C LYS B 33 -18.19 -51.71 4.20
N SER B 34 -17.84 -50.58 4.81
CA SER B 34 -17.78 -50.44 6.28
C SER B 34 -18.98 -51.12 7.02
N THR B 35 -20.19 -50.93 6.53
CA THR B 35 -21.36 -51.01 7.40
C THR B 35 -22.54 -51.81 6.84
N GLY B 36 -22.46 -52.20 5.56
CA GLY B 36 -23.55 -52.90 4.89
C GLY B 36 -24.67 -52.01 4.39
N LEU B 37 -24.84 -50.84 5.02
CA LEU B 37 -25.87 -49.87 4.64
C LEU B 37 -25.87 -49.55 3.14
N GLN B 38 -27.01 -49.07 2.63
CA GLN B 38 -27.07 -48.74 1.21
C GLN B 38 -27.34 -47.23 0.92
N TYR B 39 -27.06 -46.83 -0.31
CA TYR B 39 -26.95 -45.42 -0.63
C TYR B 39 -27.11 -45.23 -2.10
N ALA B 40 -27.24 -43.98 -2.49
CA ALA B 40 -27.38 -43.61 -3.88
C ALA B 40 -26.20 -42.72 -4.24
N ALA B 41 -25.48 -43.15 -5.26
CA ALA B 41 -24.27 -42.49 -5.68
C ALA B 41 -24.55 -41.65 -6.93
N LYS B 42 -24.55 -40.34 -6.78
CA LYS B 42 -24.81 -39.48 -7.92
C LYS B 42 -23.49 -39.06 -8.54
N PHE B 43 -23.20 -39.61 -9.72
CA PHE B 43 -22.01 -39.36 -10.51
C PHE B 43 -22.22 -38.21 -11.48
N ILE B 44 -21.52 -37.10 -11.26
CA ILE B 44 -21.77 -35.82 -11.97
C ILE B 44 -20.57 -35.49 -12.80
N LYS B 45 -20.79 -35.24 -14.09
CA LYS B 45 -19.68 -35.14 -15.03
C LYS B 45 -19.19 -33.70 -14.87
N LYS B 46 -17.88 -33.50 -14.69
CA LYS B 46 -17.32 -32.19 -14.50
C LYS B 46 -17.10 -31.59 -15.86
N ARG B 47 -17.40 -30.30 -15.97
CA ARG B 47 -16.99 -29.50 -17.11
C ARG B 47 -15.50 -29.49 -17.40
N ARG B 48 -15.11 -29.92 -18.61
CA ARG B 48 -13.73 -29.66 -19.10
C ARG B 48 -13.30 -28.16 -19.17
N THR B 49 -14.05 -27.30 -19.90
CA THR B 49 -13.66 -25.87 -20.04
C THR B 49 -14.79 -24.86 -19.91
N LYS B 50 -14.46 -23.58 -19.72
CA LYS B 50 -15.49 -22.57 -19.48
C LYS B 50 -16.03 -21.92 -20.77
N SER B 52 -17.63 -24.72 -24.52
CA SER B 52 -17.87 -25.86 -23.62
C SER B 52 -19.19 -25.78 -22.83
N ARG B 53 -20.08 -26.73 -23.11
CA ARG B 53 -21.41 -26.78 -22.47
C ARG B 53 -21.84 -28.24 -22.15
N ARG B 54 -20.93 -29.19 -22.36
CA ARG B 54 -21.03 -30.53 -21.74
C ARG B 54 -20.52 -30.52 -20.25
N GLY B 55 -21.12 -31.32 -19.38
CA GLY B 55 -20.74 -31.43 -17.96
C GLY B 55 -21.26 -30.31 -17.07
N VAL B 56 -21.15 -30.45 -15.73
CA VAL B 56 -21.44 -29.33 -14.76
C VAL B 56 -20.17 -28.55 -14.28
N SER B 57 -20.26 -27.22 -14.20
CA SER B 57 -19.13 -26.41 -13.66
C SER B 57 -18.84 -26.67 -12.18
N ARG B 58 -17.59 -26.40 -11.76
CA ARG B 58 -17.12 -26.70 -10.41
C ARG B 58 -17.99 -25.91 -9.43
N GLU B 59 -18.30 -24.69 -9.82
CA GLU B 59 -19.20 -23.86 -9.08
C GLU B 59 -20.60 -24.48 -8.89
N ASP B 60 -21.25 -24.91 -9.98
CA ASP B 60 -22.58 -25.53 -9.82
C ASP B 60 -22.53 -26.80 -8.92
N ILE B 61 -21.47 -27.58 -9.03
CA ILE B 61 -21.35 -28.80 -8.24
C ILE B 61 -21.24 -28.46 -6.74
N GLU B 62 -20.50 -27.40 -6.44
CA GLU B 62 -20.28 -26.95 -5.10
C GLU B 62 -21.57 -26.46 -4.47
N ARG B 63 -22.36 -25.75 -5.27
CA ARG B 63 -23.63 -25.23 -4.80
C ARG B 63 -24.57 -26.40 -4.43
N GLU B 64 -24.54 -27.46 -5.27
CA GLU B 64 -25.34 -28.67 -4.96
C GLU B 64 -24.88 -29.33 -3.67
N VAL B 65 -23.56 -29.43 -3.49
CA VAL B 65 -23.03 -30.06 -2.27
C VAL B 65 -23.35 -29.21 -1.03
N SER B 66 -23.19 -27.91 -1.16
CA SER B 66 -23.33 -27.01 -0.05
C SER B 66 -24.73 -27.03 0.59
N ILE B 67 -25.74 -26.88 -0.27
CA ILE B 67 -27.15 -26.95 0.05
C ILE B 67 -27.56 -28.30 0.65
N LEU B 68 -27.13 -29.42 0.05
CA LEU B 68 -27.43 -30.72 0.66
C LEU B 68 -26.74 -30.82 2.01
N LYS B 69 -25.52 -30.29 2.09
CA LYS B 69 -24.76 -30.36 3.34
C LYS B 69 -25.55 -29.68 4.44
N GLU B 70 -26.30 -28.63 4.08
CA GLU B 70 -26.98 -27.76 5.03
C GLU B 70 -28.32 -28.27 5.44
N ILE B 71 -29.08 -28.87 4.51
CA ILE B 71 -30.45 -29.31 4.83
C ILE B 71 -30.60 -30.63 5.58
N GLN B 72 -31.61 -30.71 6.45
CA GLN B 72 -32.03 -31.94 7.11
C GLN B 72 -33.50 -31.85 7.54
N HIS B 73 -34.33 -32.74 6.98
CA HIS B 73 -35.79 -32.71 7.10
C HIS B 73 -36.36 -33.98 6.46
N PRO B 74 -37.39 -34.59 7.09
CA PRO B 74 -37.86 -35.86 6.57
C PRO B 74 -38.18 -35.86 5.10
N ASN B 75 -38.65 -34.72 4.57
CA ASN B 75 -39.07 -34.68 3.15
C ASN B 75 -37.98 -34.28 2.16
N VAL B 76 -36.77 -34.07 2.66
CA VAL B 76 -35.66 -33.90 1.74
C VAL B 76 -34.62 -34.95 1.99
N ILE B 77 -33.71 -35.08 1.06
CA ILE B 77 -32.78 -36.17 1.05
C ILE B 77 -31.46 -35.72 1.71
N THR B 78 -30.66 -36.66 2.21
CA THR B 78 -29.42 -36.33 2.94
C THR B 78 -28.14 -36.61 2.13
N LEU B 79 -27.07 -35.90 2.45
CA LEU B 79 -25.72 -36.18 1.88
C LEU B 79 -24.77 -36.84 2.90
N HIS B 80 -24.22 -37.98 2.47
CA HIS B 80 -23.32 -38.75 3.29
C HIS B 80 -21.87 -38.41 3.10
N GLU B 81 -21.36 -38.46 1.86
CA GLU B 81 -19.92 -38.24 1.57
C GLU B 81 -19.76 -37.74 0.14
N VAL B 82 -18.61 -37.13 -0.16
CA VAL B 82 -18.30 -36.68 -1.51
C VAL B 82 -16.99 -37.26 -2.06
N TYR B 83 -17.01 -37.92 -3.22
CA TYR B 83 -15.76 -38.35 -3.89
C TYR B 83 -15.50 -37.53 -5.18
N GLU B 84 -14.27 -37.58 -5.67
CA GLU B 84 -13.92 -36.90 -6.90
C GLU B 84 -12.78 -37.61 -7.64
N ASN B 85 -12.96 -37.85 -8.95
CA ASN B 85 -11.87 -38.28 -9.83
C ASN B 85 -11.63 -37.30 -10.99
N LYS B 86 -10.79 -37.68 -11.93
CA LYS B 86 -10.47 -36.82 -13.10
C LYS B 86 -11.72 -36.39 -13.90
N THR B 87 -12.71 -37.28 -13.97
CA THR B 87 -13.89 -36.99 -14.76
C THR B 87 -15.14 -36.55 -13.96
N ASP B 88 -15.36 -37.05 -12.73
CA ASP B 88 -16.67 -36.88 -11.99
C ASP B 88 -16.60 -36.39 -10.54
N VAL B 89 -17.60 -35.64 -10.09
CA VAL B 89 -17.75 -35.41 -8.62
C VAL B 89 -18.85 -36.35 -8.15
N ILE B 90 -18.50 -37.32 -7.30
CA ILE B 90 -19.48 -38.32 -6.85
C ILE B 90 -20.11 -37.99 -5.50
N LEU B 91 -21.44 -37.75 -5.49
CA LEU B 91 -22.20 -37.47 -4.22
C LEU B 91 -22.85 -38.75 -3.67
N ILE B 92 -22.47 -39.13 -2.45
CA ILE B 92 -23.11 -40.30 -1.84
C ILE B 92 -24.31 -39.80 -1.02
N LEU B 93 -25.50 -40.19 -1.46
CA LEU B 93 -26.74 -39.65 -0.96
C LEU B 93 -27.56 -40.73 -0.23
N GLU B 94 -28.35 -40.28 0.76
CA GLU B 94 -29.42 -41.05 1.33
C GLU B 94 -30.21 -41.71 0.22
N LEU B 95 -30.30 -43.04 0.25
CA LEU B 95 -31.13 -43.78 -0.74
C LEU B 95 -32.63 -43.62 -0.49
N VAL B 96 -33.40 -43.51 -1.59
CA VAL B 96 -34.86 -43.57 -1.52
C VAL B 96 -35.30 -44.69 -2.46
N ALA B 97 -35.72 -45.82 -1.85
CA ALA B 97 -35.87 -47.07 -2.56
C ALA B 97 -37.14 -47.25 -3.43
N GLY B 98 -38.16 -46.41 -3.22
CA GLY B 98 -39.48 -46.65 -3.78
C GLY B 98 -39.84 -46.04 -5.12
N GLY B 99 -38.83 -45.68 -5.89
CA GLY B 99 -39.06 -45.06 -7.19
C GLY B 99 -39.49 -43.59 -7.15
N GLU B 100 -39.54 -43.02 -8.36
CA GLU B 100 -39.92 -41.64 -8.57
C GLU B 100 -41.42 -41.54 -8.56
N LEU B 101 -41.92 -40.40 -8.08
CA LEU B 101 -43.35 -40.07 -8.15
C LEU B 101 -43.86 -40.18 -9.58
N PHE B 102 -43.04 -39.73 -10.51
CA PHE B 102 -43.28 -39.96 -11.91
C PHE B 102 -43.69 -41.43 -12.18
N ASP B 103 -42.96 -42.39 -11.66
CA ASP B 103 -43.23 -43.77 -12.07
C ASP B 103 -44.47 -44.28 -11.33
N PHE B 104 -44.66 -43.81 -10.09
CA PHE B 104 -45.82 -44.20 -9.31
C PHE B 104 -47.09 -43.72 -10.02
N LEU B 105 -47.08 -42.48 -10.49
CA LEU B 105 -48.16 -41.96 -11.31
C LEU B 105 -48.37 -42.72 -12.63
N ALA B 106 -47.29 -43.16 -13.26
CA ALA B 106 -47.40 -43.92 -14.51
C ALA B 106 -48.07 -45.28 -14.28
N GLU B 107 -47.97 -45.80 -13.06
CA GLU B 107 -48.49 -47.14 -12.79
C GLU B 107 -49.88 -47.19 -12.24
N LYS B 108 -50.55 -46.05 -12.16
CA LYS B 108 -51.90 -46.00 -11.62
C LYS B 108 -52.98 -45.45 -12.56
N LEU B 111 -55.90 -41.23 -9.51
CA LEU B 111 -55.74 -40.51 -8.24
C LEU B 111 -56.98 -39.70 -7.76
N THR B 112 -57.60 -40.19 -6.68
CA THR B 112 -58.58 -39.41 -5.93
C THR B 112 -57.97 -38.14 -5.33
N GLU B 113 -58.81 -37.15 -5.00
CA GLU B 113 -58.38 -35.94 -4.29
C GLU B 113 -57.60 -36.21 -2.98
N GLU B 114 -57.93 -37.29 -2.27
CA GLU B 114 -57.30 -37.58 -0.98
C GLU B 114 -55.90 -38.17 -1.18
N GLU B 115 -55.80 -39.21 -2.01
CA GLU B 115 -54.50 -39.70 -2.47
C GLU B 115 -53.59 -38.51 -2.86
N ALA B 116 -54.15 -37.55 -3.61
CA ALA B 116 -53.34 -36.42 -4.09
C ALA B 116 -52.95 -35.51 -2.92
N THR B 117 -53.92 -35.25 -2.05
CA THR B 117 -53.74 -34.41 -0.88
C THR B 117 -52.66 -35.00 0.00
N GLU B 118 -52.64 -36.32 0.17
CA GLU B 118 -51.62 -37.00 0.99
C GLU B 118 -50.19 -36.76 0.50
N PHE B 119 -50.05 -36.61 -0.81
CA PHE B 119 -48.75 -36.35 -1.36
C PHE B 119 -48.39 -34.87 -1.22
N LEU B 120 -49.34 -34.01 -1.54
CA LEU B 120 -49.12 -32.59 -1.57
C LEU B 120 -48.64 -32.01 -0.25
N LYS B 121 -49.30 -32.39 0.87
CA LYS B 121 -48.91 -31.93 2.20
C LYS B 121 -47.43 -32.19 2.53
N GLN B 122 -46.98 -33.42 2.29
CA GLN B 122 -45.57 -33.74 2.40
C GLN B 122 -44.68 -32.80 1.59
N ILE B 123 -45.13 -32.47 0.37
CA ILE B 123 -44.34 -31.63 -0.51
C ILE B 123 -44.32 -30.23 0.10
N LEU B 124 -45.51 -29.67 0.34
CA LEU B 124 -45.65 -28.46 1.14
C LEU B 124 -44.73 -28.47 2.36
N ASN B 125 -44.80 -29.50 3.18
CA ASN B 125 -43.90 -29.58 4.35
C ASN B 125 -42.42 -29.42 3.99
N GLY B 126 -41.94 -30.17 3.00
CA GLY B 126 -40.57 -30.03 2.50
C GLY B 126 -40.26 -28.63 1.96
N VAL B 127 -41.18 -28.05 1.20
CA VAL B 127 -40.86 -26.76 0.59
C VAL B 127 -40.90 -25.66 1.63
N TYR B 128 -41.74 -25.87 2.64
CA TYR B 128 -41.83 -24.90 3.68
C TYR B 128 -40.52 -24.93 4.43
N TYR B 129 -39.98 -26.13 4.66
CA TYR B 129 -38.68 -26.24 5.33
C TYR B 129 -37.57 -25.52 4.55
N LEU B 130 -37.45 -25.85 3.26
CA LEU B 130 -36.46 -25.27 2.40
C LEU B 130 -36.56 -23.75 2.32
N HIS B 131 -37.79 -23.23 2.30
CA HIS B 131 -37.99 -21.81 2.06
C HIS B 131 -37.55 -21.12 3.29
N SER B 132 -37.82 -21.77 4.40
CA SER B 132 -37.51 -21.18 5.67
C SER B 132 -35.98 -21.04 5.78
N LEU B 133 -35.26 -21.66 4.85
CA LEU B 133 -33.80 -21.50 4.81
C LEU B 133 -33.39 -20.64 3.63
N GLN B 134 -34.38 -20.07 2.95
CA GLN B 134 -34.18 -19.21 1.80
C GLN B 134 -33.58 -20.01 0.66
N ILE B 135 -33.89 -21.30 0.64
CA ILE B 135 -33.57 -22.11 -0.51
C ILE B 135 -34.75 -22.32 -1.47
N ALA B 136 -34.62 -21.75 -2.65
CA ALA B 136 -35.47 -22.10 -3.74
C ALA B 136 -34.89 -23.36 -4.43
N HIS B 137 -35.78 -24.30 -4.74
CA HIS B 137 -35.43 -25.59 -5.36
C HIS B 137 -35.28 -25.49 -6.86
N PHE B 138 -36.19 -24.74 -7.48
CA PHE B 138 -36.15 -24.42 -8.92
C PHE B 138 -36.31 -25.59 -9.87
N ASP B 139 -36.55 -26.80 -9.39
CA ASP B 139 -36.79 -27.93 -10.31
C ASP B 139 -37.72 -28.97 -9.67
N LEU B 140 -38.82 -28.46 -9.11
CA LEU B 140 -39.81 -29.37 -8.52
C LEU B 140 -40.64 -29.99 -9.63
N LYS B 141 -40.55 -31.31 -9.74
CA LYS B 141 -41.35 -32.06 -10.69
C LYS B 141 -41.41 -33.56 -10.28
N PRO B 142 -42.38 -34.32 -10.79
CA PRO B 142 -42.48 -35.72 -10.37
C PRO B 142 -41.17 -36.54 -10.43
N GLU B 143 -40.31 -36.36 -11.45
CA GLU B 143 -39.07 -37.15 -11.53
C GLU B 143 -38.03 -36.78 -10.48
N ASN B 144 -38.21 -35.63 -9.85
CA ASN B 144 -37.40 -35.18 -8.74
C ASN B 144 -38.08 -35.35 -7.39
N ILE B 145 -39.13 -36.17 -7.32
CA ILE B 145 -39.75 -36.53 -6.03
C ILE B 145 -39.71 -38.05 -5.92
N MET B 146 -39.30 -38.54 -4.77
CA MET B 146 -39.08 -39.92 -4.56
C MET B 146 -39.94 -40.43 -3.40
N LEU B 147 -40.37 -41.71 -3.50
CA LEU B 147 -41.10 -42.35 -2.38
C LEU B 147 -40.22 -43.28 -1.58
N LEU B 148 -40.31 -43.19 -0.25
CA LEU B 148 -39.65 -44.13 0.63
C LEU B 148 -40.03 -45.61 0.35
N ASP B 149 -41.28 -45.84 -0.05
CA ASP B 149 -41.81 -47.18 -0.36
C ASP B 149 -43.11 -47.06 -1.18
N ARG B 150 -43.18 -47.85 -2.24
CA ARG B 150 -44.18 -47.72 -3.30
C ARG B 150 -45.39 -48.59 -3.04
N ASN B 151 -45.31 -49.41 -1.98
CA ASN B 151 -46.35 -50.42 -1.75
C ASN B 151 -47.26 -50.21 -0.56
N VAL B 152 -47.02 -49.12 0.16
CA VAL B 152 -47.87 -48.65 1.27
C VAL B 152 -49.03 -47.74 0.76
N PRO B 153 -50.15 -47.67 1.53
CA PRO B 153 -51.37 -46.91 1.14
C PRO B 153 -51.26 -45.38 1.19
N LYS B 154 -50.29 -44.86 1.93
CA LYS B 154 -50.00 -43.41 1.96
C LYS B 154 -48.51 -43.28 1.85
N PRO B 155 -47.97 -43.40 0.62
CA PRO B 155 -46.51 -43.33 0.48
C PRO B 155 -45.90 -42.05 1.04
N ARG B 156 -44.72 -42.19 1.66
CA ARG B 156 -43.90 -41.05 2.14
C ARG B 156 -42.95 -40.56 1.06
N ILE B 157 -42.62 -39.28 1.08
CA ILE B 157 -41.79 -38.74 0.00
C ILE B 157 -40.64 -37.93 0.48
N LYS B 158 -39.60 -37.92 -0.33
CA LYS B 158 -38.49 -37.04 -0.10
C LYS B 158 -38.21 -36.29 -1.38
N ILE B 159 -38.10 -34.96 -1.30
CA ILE B 159 -37.61 -34.18 -2.42
C ILE B 159 -36.12 -34.47 -2.74
N ILE B 160 -35.79 -34.70 -4.00
CA ILE B 160 -34.40 -34.96 -4.40
C ILE B 160 -33.90 -33.92 -5.46
N ASP B 161 -32.72 -34.13 -6.05
CA ASP B 161 -32.22 -33.31 -7.16
C ASP B 161 -32.13 -31.81 -6.88
N PHE B 162 -31.06 -31.43 -6.21
CA PHE B 162 -30.83 -30.05 -5.77
C PHE B 162 -29.81 -29.36 -6.64
N GLY B 163 -29.56 -29.90 -7.81
CA GLY B 163 -28.67 -29.28 -8.76
C GLY B 163 -28.95 -27.85 -9.22
N LEU B 164 -30.18 -27.35 -9.08
CA LEU B 164 -30.54 -25.99 -9.52
C LEU B 164 -30.90 -25.13 -8.31
N ALA B 165 -30.73 -25.64 -7.09
CA ALA B 165 -31.23 -24.94 -5.89
C ALA B 165 -30.32 -23.74 -5.60
N HIS B 166 -30.85 -22.66 -5.04
CA HIS B 166 -30.03 -21.46 -4.72
C HIS B 166 -30.41 -20.85 -3.41
N LYS B 167 -29.46 -20.14 -2.81
CA LYS B 167 -29.81 -19.32 -1.65
C LYS B 167 -30.48 -18.09 -2.17
N ILE B 168 -31.50 -17.61 -1.48
CA ILE B 168 -32.13 -16.33 -1.86
C ILE B 168 -31.66 -15.22 -0.93
N ASP B 169 -30.99 -14.21 -1.52
CA ASP B 169 -30.33 -13.09 -0.80
C ASP B 169 -31.12 -12.47 0.36
N THR B 180 -27.41 6.22 -7.97
CA THR B 180 -27.80 4.95 -8.62
C THR B 180 -28.90 5.08 -9.69
N PRO B 181 -30.21 5.36 -9.29
CA PRO B 181 -31.29 5.36 -10.33
C PRO B 181 -30.99 6.19 -11.62
N GLU B 182 -30.41 7.37 -11.47
CA GLU B 182 -30.03 8.20 -12.62
C GLU B 182 -29.03 7.55 -13.53
N PHE B 183 -28.22 6.64 -12.98
CA PHE B 183 -27.06 6.13 -13.70
C PHE B 183 -27.31 4.73 -14.21
N VAL B 184 -28.47 4.22 -13.83
CA VAL B 184 -28.85 2.84 -13.94
C VAL B 184 -29.48 2.47 -15.27
N ALA B 185 -28.98 1.43 -15.92
CA ALA B 185 -29.52 1.08 -17.23
C ALA B 185 -30.99 0.60 -17.13
N PRO B 186 -31.79 0.85 -18.18
CA PRO B 186 -33.15 0.36 -18.32
C PRO B 186 -33.39 -1.09 -17.86
N GLU B 187 -32.47 -1.99 -18.15
CA GLU B 187 -32.73 -3.39 -17.76
C GLU B 187 -32.53 -3.69 -16.28
N ILE B 188 -31.89 -2.78 -15.55
CA ILE B 188 -31.76 -2.95 -14.09
C ILE B 188 -33.01 -2.39 -13.49
N VAL B 189 -33.43 -1.22 -13.99
CA VAL B 189 -34.69 -0.60 -13.62
C VAL B 189 -35.83 -1.66 -13.64
N ASN B 190 -35.86 -2.42 -14.74
CA ASN B 190 -36.89 -3.40 -15.01
C ASN B 190 -36.55 -4.80 -14.53
N TYR B 191 -35.40 -4.95 -13.86
CA TYR B 191 -34.93 -6.24 -13.35
C TYR B 191 -35.70 -6.72 -12.12
N GLU B 192 -36.34 -7.88 -12.25
CA GLU B 192 -36.96 -8.54 -11.07
C GLU B 192 -36.23 -9.85 -10.81
N PRO B 193 -35.79 -10.06 -9.56
CA PRO B 193 -35.00 -11.29 -9.39
C PRO B 193 -35.86 -12.58 -9.21
N LEU B 194 -35.29 -13.72 -9.56
CA LEU B 194 -35.97 -14.98 -9.35
C LEU B 194 -35.85 -15.30 -7.86
N GLY B 195 -36.93 -15.72 -7.23
CA GLY B 195 -36.91 -16.11 -5.82
C GLY B 195 -37.83 -17.28 -5.55
N LEU B 196 -38.37 -17.30 -4.34
CA LEU B 196 -39.11 -18.47 -3.82
C LEU B 196 -40.40 -18.83 -4.56
N GLU B 197 -41.01 -17.84 -5.22
CA GLU B 197 -42.34 -17.96 -5.83
C GLU B 197 -42.32 -18.92 -6.99
N ALA B 198 -41.15 -19.10 -7.60
CA ALA B 198 -41.03 -20.04 -8.70
C ALA B 198 -41.43 -21.43 -8.20
N ASP B 199 -40.87 -21.87 -7.08
CA ASP B 199 -41.21 -23.16 -6.52
C ASP B 199 -42.75 -23.28 -6.45
N MET B 200 -43.43 -22.21 -6.01
CA MET B 200 -44.89 -22.22 -5.79
C MET B 200 -45.71 -22.49 -7.06
N TRP B 201 -45.31 -21.85 -8.15
CA TRP B 201 -45.87 -22.14 -9.45
C TRP B 201 -45.72 -23.61 -9.74
N SER B 202 -44.52 -24.14 -9.56
CA SER B 202 -44.27 -25.55 -9.84
C SER B 202 -45.23 -26.46 -9.05
N ILE B 203 -45.42 -26.16 -7.76
CA ILE B 203 -46.34 -26.94 -6.95
C ILE B 203 -47.70 -26.90 -7.63
N GLY B 204 -47.98 -25.78 -8.28
CA GLY B 204 -49.25 -25.61 -8.98
C GLY B 204 -49.36 -26.63 -10.10
N VAL B 205 -48.30 -26.74 -10.88
CA VAL B 205 -48.26 -27.68 -11.98
C VAL B 205 -48.39 -29.10 -11.42
N ILE B 206 -47.71 -29.36 -10.29
CA ILE B 206 -47.67 -30.68 -9.68
C ILE B 206 -49.08 -31.09 -9.25
N THR B 207 -49.72 -30.21 -8.46
CA THR B 207 -51.10 -30.43 -7.98
C THR B 207 -51.96 -30.84 -9.16
N TYR B 208 -51.85 -30.04 -10.21
CA TYR B 208 -52.64 -30.24 -11.39
C TYR B 208 -52.46 -31.64 -12.02
N ILE B 209 -51.22 -32.08 -12.18
CA ILE B 209 -50.93 -33.44 -12.65
C ILE B 209 -51.52 -34.54 -11.70
N LEU B 210 -52.45 -34.14 -10.82
CA LEU B 210 -53.04 -35.05 -9.82
C LEU B 210 -54.59 -35.03 -9.75
N SER B 212 -56.00 -35.62 -12.62
CA SER B 212 -55.74 -35.73 -14.07
C SER B 212 -54.34 -36.27 -14.25
N GLY B 213 -54.15 -37.04 -15.33
CA GLY B 213 -52.80 -37.48 -15.63
C GLY B 213 -52.18 -36.50 -16.61
N ALA B 214 -52.55 -35.21 -16.51
CA ALA B 214 -52.36 -34.26 -17.60
C ALA B 214 -51.56 -33.00 -17.24
N SER B 215 -50.62 -32.62 -18.13
CA SER B 215 -49.79 -31.44 -17.86
C SER B 215 -50.40 -30.10 -18.33
N PRO B 216 -50.59 -29.14 -17.42
CA PRO B 216 -51.42 -28.00 -17.77
C PRO B 216 -50.96 -27.18 -18.97
N PHE B 217 -49.66 -27.01 -19.19
CA PHE B 217 -49.21 -26.14 -20.32
C PHE B 217 -48.53 -26.83 -21.50
N LEU B 218 -48.57 -28.17 -21.57
CA LEU B 218 -47.93 -28.89 -22.68
C LEU B 218 -48.33 -28.34 -24.04
N GLY B 219 -47.38 -28.26 -24.96
CA GLY B 219 -47.67 -27.87 -26.35
C GLY B 219 -47.33 -29.03 -27.27
N ASP B 220 -47.11 -28.75 -28.56
CA ASP B 220 -46.56 -29.77 -29.47
C ASP B 220 -45.08 -29.46 -29.69
N THR B 221 -44.77 -28.18 -29.92
CA THR B 221 -43.39 -27.69 -29.89
C THR B 221 -43.00 -27.40 -28.42
N LYS B 222 -41.70 -27.40 -28.12
CA LYS B 222 -41.23 -26.83 -26.84
C LYS B 222 -41.41 -25.30 -26.85
N GLN B 223 -41.54 -24.73 -28.06
CA GLN B 223 -41.95 -23.33 -28.19
C GLN B 223 -43.42 -23.22 -27.74
N GLU B 224 -44.26 -24.05 -28.34
CA GLU B 224 -45.67 -24.10 -27.95
C GLU B 224 -45.83 -24.18 -26.42
N THR B 225 -45.11 -25.10 -25.78
CA THR B 225 -45.13 -25.22 -24.33
C THR B 225 -44.72 -23.90 -23.63
N LEU B 226 -43.69 -23.23 -24.17
CA LEU B 226 -43.15 -22.00 -23.55
C LEU B 226 -44.05 -20.77 -23.75
N ALA B 227 -44.67 -20.69 -24.91
CA ALA B 227 -45.69 -19.69 -25.15
C ALA B 227 -46.76 -19.80 -24.04
N ASN B 228 -47.44 -20.96 -24.01
CA ASN B 228 -48.41 -21.30 -22.97
C ASN B 228 -48.05 -20.80 -21.56
N VAL B 229 -46.90 -21.25 -21.06
CA VAL B 229 -46.46 -20.94 -19.72
C VAL B 229 -46.50 -19.44 -19.37
N SER B 230 -45.82 -18.61 -20.19
CA SER B 230 -45.70 -17.18 -19.90
C SER B 230 -47.01 -16.43 -20.14
N ALA B 231 -47.93 -17.06 -20.87
CA ALA B 231 -49.26 -16.51 -21.11
C ALA B 231 -50.33 -17.04 -20.11
N VAL B 232 -49.99 -18.10 -19.38
CA VAL B 232 -50.90 -18.68 -18.39
C VAL B 232 -52.13 -19.31 -19.08
N ASN B 233 -51.84 -20.14 -20.07
CA ASN B 233 -52.84 -20.73 -20.92
C ASN B 233 -53.12 -22.19 -20.53
N TYR B 234 -53.83 -22.33 -19.41
CA TYR B 234 -54.39 -23.61 -18.94
C TYR B 234 -55.93 -23.48 -18.86
N GLU B 235 -56.62 -24.62 -18.88
CA GLU B 235 -58.06 -24.69 -18.67
C GLU B 235 -58.34 -25.94 -17.82
N PHE B 236 -59.43 -25.95 -17.05
CA PHE B 236 -59.81 -27.22 -16.41
C PHE B 236 -60.77 -27.96 -17.33
N GLU B 237 -60.23 -28.95 -18.04
CA GLU B 237 -60.99 -29.64 -19.09
C GLU B 237 -62.02 -30.55 -18.45
N ASP B 238 -63.25 -30.55 -19.01
CA ASP B 238 -64.33 -31.37 -18.49
C ASP B 238 -63.90 -32.83 -18.55
N GLU B 239 -63.24 -33.21 -19.65
CA GLU B 239 -62.66 -34.56 -19.77
C GLU B 239 -61.94 -35.04 -18.50
N TYR B 240 -61.29 -34.14 -17.76
CA TYR B 240 -60.47 -34.50 -16.57
C TYR B 240 -61.04 -34.06 -15.23
N PHE B 241 -61.70 -32.91 -15.20
CA PHE B 241 -62.14 -32.33 -13.94
C PHE B 241 -63.64 -32.51 -13.62
N SER B 242 -63.96 -32.74 -12.34
CA SER B 242 -65.34 -32.97 -11.86
C SER B 242 -65.40 -33.92 -10.66
N ALA B 246 -63.38 -29.54 -6.02
CA ALA B 246 -63.88 -28.19 -6.30
C ALA B 246 -63.12 -27.07 -5.58
N LEU B 247 -62.63 -27.34 -4.38
CA LEU B 247 -61.66 -26.44 -3.71
C LEU B 247 -60.21 -26.78 -4.19
N ALA B 248 -60.07 -27.95 -4.80
CA ALA B 248 -58.86 -28.33 -5.53
C ALA B 248 -58.49 -27.27 -6.56
N LYS B 249 -59.46 -26.81 -7.36
CA LYS B 249 -59.16 -25.86 -8.46
C LYS B 249 -58.90 -24.43 -7.98
N ASP B 250 -59.42 -24.06 -6.82
CA ASP B 250 -59.09 -22.75 -6.26
C ASP B 250 -57.60 -22.70 -5.88
N PHE B 251 -57.15 -23.80 -5.30
CA PHE B 251 -55.77 -24.00 -4.86
C PHE B 251 -54.79 -23.82 -6.02
N ILE B 252 -54.98 -24.60 -7.10
CA ILE B 252 -54.19 -24.43 -8.34
C ILE B 252 -54.25 -22.99 -8.90
N ARG B 253 -55.44 -22.40 -8.91
CA ARG B 253 -55.64 -21.07 -9.52
C ARG B 253 -54.89 -19.98 -8.76
N ARG B 254 -54.92 -20.05 -7.44
CA ARG B 254 -54.23 -19.03 -6.64
C ARG B 254 -52.70 -19.32 -6.58
N LEU B 255 -52.23 -20.15 -7.52
CA LEU B 255 -50.82 -20.50 -7.63
C LEU B 255 -50.34 -20.27 -9.04
N LEU B 256 -51.06 -20.81 -10.02
CA LEU B 256 -50.73 -20.58 -11.45
C LEU B 256 -50.99 -19.13 -11.94
N VAL B 257 -50.21 -18.20 -11.39
CA VAL B 257 -50.44 -16.78 -11.54
C VAL B 257 -49.20 -16.13 -12.09
N LYS B 258 -49.35 -15.26 -13.09
CA LYS B 258 -48.22 -14.62 -13.77
C LYS B 258 -47.33 -13.77 -12.87
N ASP B 259 -47.87 -12.71 -12.28
CA ASP B 259 -47.06 -11.89 -11.39
C ASP B 259 -46.67 -12.68 -10.14
N PRO B 260 -45.38 -12.99 -10.01
CA PRO B 260 -44.86 -13.71 -8.86
C PRO B 260 -45.42 -13.19 -7.54
N LYS B 261 -45.34 -11.87 -7.35
CA LYS B 261 -45.58 -11.23 -6.05
C LYS B 261 -47.01 -11.37 -5.55
N LYS B 262 -47.85 -11.98 -6.37
CA LYS B 262 -49.26 -12.13 -6.02
C LYS B 262 -49.67 -13.59 -6.05
N ARG B 263 -48.70 -14.50 -6.25
CA ARG B 263 -48.96 -15.93 -6.05
C ARG B 263 -49.12 -16.24 -4.58
N MET B 264 -49.69 -17.40 -4.30
CA MET B 264 -49.80 -17.91 -2.94
C MET B 264 -48.39 -18.35 -2.51
N THR B 265 -47.99 -17.94 -1.32
CA THR B 265 -46.72 -18.42 -0.76
C THR B 265 -46.94 -19.76 -0.06
N ILE B 266 -45.83 -20.38 0.35
CA ILE B 266 -45.87 -21.64 1.06
C ILE B 266 -46.65 -21.62 2.38
N GLN B 267 -46.62 -20.51 3.11
CA GLN B 267 -47.42 -20.41 4.33
C GLN B 267 -48.88 -20.33 3.97
N ASP B 268 -49.17 -19.60 2.89
CA ASP B 268 -50.55 -19.36 2.51
C ASP B 268 -51.18 -20.65 2.04
N SER B 269 -50.41 -21.38 1.23
CA SER B 269 -50.85 -22.65 0.66
C SER B 269 -51.20 -23.62 1.80
N LEU B 270 -50.39 -23.59 2.85
CA LEU B 270 -50.67 -24.34 4.05
C LEU B 270 -51.91 -23.85 4.82
N GLN B 271 -52.17 -22.54 4.83
CA GLN B 271 -53.41 -22.04 5.45
C GLN B 271 -54.67 -22.21 4.57
N HIS B 272 -54.47 -22.59 3.31
CA HIS B 272 -55.56 -22.73 2.34
C HIS B 272 -56.55 -23.78 2.79
N PRO B 273 -57.85 -23.51 2.62
CA PRO B 273 -58.93 -24.39 3.13
C PRO B 273 -58.96 -25.77 2.52
N TRP B 274 -58.25 -25.97 1.40
CA TRP B 274 -58.21 -27.28 0.77
C TRP B 274 -57.13 -28.05 1.46
N ILE B 275 -56.43 -27.36 2.36
CA ILE B 275 -55.26 -27.94 3.05
C ILE B 275 -55.50 -28.06 4.55
N LYS B 276 -55.89 -26.97 5.23
CA LYS B 276 -56.18 -27.02 6.68
C LYS B 276 -57.71 -27.21 6.95
N ARG C 5 46.96 30.87 19.91
CA ARG C 5 47.87 31.96 20.37
C ARG C 5 47.25 32.73 21.57
N GLN C 6 47.83 32.59 22.77
CA GLN C 6 47.26 33.21 23.99
C GLN C 6 47.70 34.66 24.31
N GLU C 7 48.44 35.30 23.42
CA GLU C 7 48.93 36.66 23.64
C GLU C 7 47.75 37.59 23.51
N ASN C 8 47.78 38.71 24.22
CA ASN C 8 46.71 39.72 24.18
C ASN C 8 46.62 40.39 22.80
N VAL C 9 45.40 40.43 22.26
CA VAL C 9 45.17 40.97 20.92
C VAL C 9 45.40 42.48 20.87
N ASP C 10 45.04 43.17 21.94
CA ASP C 10 45.20 44.62 21.97
C ASP C 10 46.67 45.03 21.89
N ASP C 11 47.59 44.11 22.18
CA ASP C 11 49.04 44.38 22.19
C ASP C 11 49.63 44.47 20.79
N TYR C 12 48.85 43.99 19.80
CA TYR C 12 49.28 43.92 18.39
C TYR C 12 48.27 44.53 17.40
N TYR C 13 47.13 45.02 17.88
CA TYR C 13 46.10 45.61 17.00
C TYR C 13 45.35 46.76 17.68
N ASP C 14 45.06 47.84 16.93
CA ASP C 14 44.22 48.95 17.44
C ASP C 14 42.75 48.69 17.04
N THR C 15 42.08 47.76 17.72
CA THR C 15 40.67 47.39 17.40
C THR C 15 39.70 48.59 17.44
N GLY C 16 39.17 48.95 16.26
CA GLY C 16 38.40 50.19 16.06
C GLY C 16 36.94 50.00 15.66
N GLU C 17 36.56 50.50 14.49
CA GLU C 17 35.14 50.50 14.03
C GLU C 17 34.41 49.12 14.12
N GLU C 18 33.08 49.13 14.21
CA GLU C 18 32.32 47.96 14.68
C GLU C 18 31.62 47.07 13.63
N LEU C 19 31.97 47.26 12.34
CA LEU C 19 31.53 46.38 11.20
C LEU C 19 30.74 45.11 11.60
N GLY C 22 26.45 38.92 13.21
CA GLY C 22 25.53 37.77 13.36
C GLY C 22 25.30 37.21 14.77
N GLN C 23 24.81 35.96 14.84
CA GLN C 23 24.38 35.29 16.10
C GLN C 23 25.33 35.40 17.32
N PHE C 24 26.52 34.79 17.22
CA PHE C 24 27.46 34.69 18.35
C PHE C 24 28.93 35.05 17.96
N ALA C 25 29.08 36.21 17.32
CA ALA C 25 30.36 36.80 16.94
C ALA C 25 30.16 38.27 16.49
N VAL C 26 31.12 39.11 16.81
CA VAL C 26 31.11 40.50 16.36
C VAL C 26 32.35 40.73 15.49
N VAL C 27 32.19 41.51 14.44
CA VAL C 27 33.34 41.82 13.59
C VAL C 27 33.69 43.31 13.66
N LYS C 28 34.86 43.60 14.26
CA LYS C 28 35.39 44.94 14.48
C LYS C 28 36.63 45.12 13.60
N LYS C 29 36.80 46.29 12.99
CA LYS C 29 37.98 46.57 12.18
C LYS C 29 39.13 46.95 13.12
N CYS C 30 40.36 46.70 12.68
CA CYS C 30 41.54 47.02 13.47
C CYS C 30 42.79 47.23 12.64
N ARG C 31 43.69 48.07 13.14
CA ARG C 31 44.99 48.29 12.48
C ARG C 31 46.10 47.54 13.21
N GLU C 32 46.82 46.71 12.46
CA GLU C 32 47.96 45.98 13.00
C GLU C 32 49.03 47.01 13.39
N LYS C 33 49.23 47.18 14.70
CA LYS C 33 50.11 48.21 15.28
C LYS C 33 51.55 48.13 14.75
N SER C 34 52.02 46.93 14.44
CA SER C 34 53.36 46.74 13.86
C SER C 34 53.31 46.26 12.40
N THR C 35 52.86 47.17 11.53
CA THR C 35 52.82 46.98 10.07
C THR C 35 52.05 48.14 9.47
N GLY C 36 50.93 48.50 10.09
CA GLY C 36 50.05 49.53 9.59
C GLY C 36 48.97 48.94 8.71
N LEU C 37 49.12 47.65 8.40
CA LEU C 37 48.17 46.94 7.53
C LEU C 37 46.84 46.73 8.26
N GLN C 38 45.73 47.12 7.62
CA GLN C 38 44.39 47.10 8.24
C GLN C 38 43.56 45.80 7.99
N TYR C 39 42.94 45.27 9.05
CA TYR C 39 42.24 43.98 9.02
C TYR C 39 40.85 43.97 9.67
N ALA C 40 40.19 42.83 9.55
CA ALA C 40 38.94 42.53 10.27
C ALA C 40 39.22 41.55 11.39
N ALA C 41 38.78 41.89 12.59
CA ALA C 41 38.92 40.98 13.71
C ALA C 41 37.54 40.37 14.01
N LYS C 42 37.42 39.04 13.89
CA LYS C 42 36.17 38.35 14.19
C LYS C 42 36.27 37.66 15.54
N PHE C 43 35.68 38.26 16.57
CA PHE C 43 35.67 37.67 17.90
C PHE C 43 34.57 36.60 17.98
N ILE C 44 34.95 35.33 18.13
CA ILE C 44 33.96 34.29 18.37
C ILE C 44 33.82 33.93 19.86
N LYS C 45 32.60 34.04 20.39
CA LYS C 45 32.25 33.66 21.79
C LYS C 45 32.20 32.15 22.09
N LYS C 46 33.12 31.68 22.93
CA LYS C 46 33.20 30.27 23.31
C LYS C 46 32.01 29.79 24.12
N ARG C 47 31.62 28.52 23.87
CA ARG C 47 30.62 27.78 24.67
C ARG C 47 31.15 27.60 26.10
N ARG C 48 30.56 28.29 27.07
CA ARG C 48 31.05 28.16 28.43
C ARG C 48 30.50 26.89 29.13
N THR C 49 29.61 26.16 28.47
CA THR C 49 28.96 24.96 29.02
C THR C 49 28.62 24.00 27.87
N LYS C 50 28.56 22.69 28.16
CA LYS C 50 28.15 21.70 27.16
C LYS C 50 26.68 21.85 26.74
N SER C 51 25.79 21.93 27.73
CA SER C 51 24.32 22.04 27.50
C SER C 51 23.92 23.42 27.01
N SER C 52 24.86 24.35 27.00
CA SER C 52 24.53 25.74 26.75
C SER C 52 24.44 26.02 25.27
N ARG C 53 23.26 26.51 24.86
CA ARG C 53 23.03 26.99 23.50
C ARG C 53 23.64 28.40 23.25
N ARG C 54 24.11 29.07 24.30
CA ARG C 54 24.83 30.34 24.14
C ARG C 54 26.26 30.06 23.66
N GLY C 55 26.72 30.77 22.65
CA GLY C 55 28.07 30.61 22.13
C GLY C 55 28.38 29.31 21.38
N VAL C 56 29.55 29.31 20.72
CA VAL C 56 30.04 28.25 19.79
C VAL C 56 31.05 27.31 20.45
N SER C 57 30.93 26.02 20.15
CA SER C 57 31.82 24.98 20.66
C SER C 57 33.21 25.10 20.05
N ARG C 58 34.20 24.45 20.69
CA ARG C 58 35.59 24.47 20.19
C ARG C 58 35.82 23.69 18.89
N GLU C 59 35.03 22.64 18.68
CA GLU C 59 35.09 21.80 17.48
C GLU C 59 34.81 22.63 16.22
N ASP C 60 33.63 23.28 16.23
CA ASP C 60 33.18 24.21 15.18
C ASP C 60 34.23 25.32 14.87
N ILE C 61 34.80 25.93 15.91
CA ILE C 61 35.81 26.96 15.73
C ILE C 61 37.07 26.42 15.04
N GLU C 62 37.50 25.22 15.42
CA GLU C 62 38.70 24.62 14.86
C GLU C 62 38.43 24.17 13.44
N ARG C 63 37.19 23.79 13.16
CA ARG C 63 36.79 23.45 11.79
C ARG C 63 36.91 24.68 10.89
N GLU C 64 36.25 25.79 11.29
CA GLU C 64 36.31 27.02 10.53
C GLU C 64 37.75 27.44 10.31
N VAL C 65 38.57 27.36 11.35
CA VAL C 65 39.97 27.79 11.28
C VAL C 65 40.77 26.93 10.30
N SER C 66 40.67 25.62 10.53
CA SER C 66 41.35 24.61 9.75
C SER C 66 41.07 24.80 8.27
N ILE C 67 39.78 24.95 7.95
CA ILE C 67 39.36 25.17 6.60
C ILE C 67 39.93 26.48 6.05
N LEU C 68 39.89 27.52 6.88
CA LEU C 68 40.36 28.83 6.49
C LEU C 68 41.86 28.91 6.20
N LYS C 69 42.65 28.19 7.00
CA LYS C 69 44.12 28.19 6.80
C LYS C 69 44.49 27.67 5.39
N GLU C 70 43.74 26.68 4.91
CA GLU C 70 43.89 26.07 3.58
C GLU C 70 43.63 26.94 2.31
N ILE C 71 42.70 27.90 2.39
CA ILE C 71 42.17 28.53 1.18
C ILE C 71 42.89 29.79 0.73
N GLN C 72 43.23 29.81 -0.55
CA GLN C 72 44.01 30.88 -1.14
C GLN C 72 43.47 31.15 -2.54
N HIS C 73 42.61 32.15 -2.67
CA HIS C 73 41.96 32.40 -3.95
C HIS C 73 41.39 33.81 -4.00
N PRO C 74 41.52 34.51 -5.16
CA PRO C 74 41.10 35.91 -5.28
C PRO C 74 39.67 36.10 -4.84
N ASN C 75 38.89 35.04 -5.01
CA ASN C 75 37.48 35.11 -4.73
C ASN C 75 37.00 34.64 -3.33
N VAL C 76 37.94 34.25 -2.46
CA VAL C 76 37.57 33.90 -1.07
C VAL C 76 38.32 34.71 -0.01
N ILE C 77 37.80 34.75 1.21
CA ILE C 77 38.39 35.55 2.30
C ILE C 77 39.70 34.93 2.84
N THR C 78 40.73 35.75 3.02
CA THR C 78 42.06 35.29 3.46
C THR C 78 42.20 35.35 4.99
N LEU C 79 42.86 34.36 5.59
CA LEU C 79 43.20 34.41 7.03
C LEU C 79 44.60 34.97 7.25
N HIS C 80 44.76 35.72 8.34
CA HIS C 80 46.07 36.22 8.75
C HIS C 80 46.56 35.53 9.99
N GLU C 81 45.81 35.60 11.09
CA GLU C 81 46.21 34.86 12.32
C GLU C 81 45.07 34.66 13.33
N VAL C 82 45.31 33.81 14.31
CA VAL C 82 44.28 33.32 15.25
C VAL C 82 44.67 33.45 16.74
N TYR C 83 43.97 34.30 17.47
CA TYR C 83 44.20 34.49 18.91
C TYR C 83 43.19 33.74 19.79
N GLU C 84 43.45 33.76 21.10
CA GLU C 84 42.69 32.97 22.06
C GLU C 84 42.80 33.52 23.49
N ASN C 85 41.67 33.59 24.20
CA ASN C 85 41.66 33.91 25.64
C ASN C 85 40.54 33.16 26.35
N LYS C 86 40.21 33.50 27.60
CA LYS C 86 39.23 32.72 28.38
C LYS C 86 37.78 32.67 27.81
N THR C 87 37.43 33.65 26.98
CA THR C 87 36.07 33.82 26.47
C THR C 87 35.97 33.74 24.92
N ASP C 88 37.05 34.05 24.20
CA ASP C 88 37.00 34.18 22.75
C ASP C 88 38.13 33.52 21.96
N VAL C 89 37.80 33.02 20.77
CA VAL C 89 38.79 32.84 19.72
C VAL C 89 38.61 34.03 18.79
N ILE C 90 39.69 34.78 18.56
CA ILE C 90 39.65 35.94 17.67
C ILE C 90 40.38 35.62 16.37
N LEU C 91 39.71 35.76 15.24
CA LEU C 91 40.37 35.48 13.99
C LEU C 91 40.71 36.78 13.31
N ILE C 92 41.96 36.96 12.90
CA ILE C 92 42.29 38.11 12.06
C ILE C 92 42.11 37.70 10.62
N LEU C 93 41.30 38.48 9.90
CA LEU C 93 40.87 38.21 8.52
C LEU C 93 41.20 39.35 7.57
N GLU C 94 41.34 39.04 6.27
CA GLU C 94 41.47 40.09 5.26
C GLU C 94 40.25 41.01 5.39
N LEU C 95 40.44 42.31 5.17
CA LEU C 95 39.36 43.28 5.24
C LEU C 95 38.61 43.43 3.93
N VAL C 96 37.33 43.05 3.92
CA VAL C 96 36.46 43.20 2.77
C VAL C 96 35.62 44.47 3.04
N ALA C 97 35.90 45.54 2.30
CA ALA C 97 35.46 46.89 2.67
C ALA C 97 34.31 47.47 1.82
N GLY C 98 33.73 46.62 0.97
CA GLY C 98 32.71 47.06 0.04
C GLY C 98 31.29 46.62 0.31
N GLY C 99 31.08 45.99 1.47
CA GLY C 99 29.75 45.53 1.88
C GLY C 99 29.22 44.39 1.03
N GLU C 100 27.95 44.02 1.26
CA GLU C 100 27.25 42.95 0.52
C GLU C 100 26.96 43.36 -0.90
N LEU C 101 27.15 42.43 -1.83
CA LEU C 101 26.71 42.59 -3.24
C LEU C 101 25.29 43.19 -3.45
N PHE C 102 24.36 42.90 -2.54
CA PHE C 102 22.98 43.38 -2.72
C PHE C 102 22.73 44.82 -2.24
N ASP C 103 23.27 45.19 -1.09
CA ASP C 103 23.32 46.62 -0.70
C ASP C 103 23.80 47.40 -1.90
N PHE C 104 24.85 46.89 -2.54
CA PHE C 104 25.48 47.59 -3.63
C PHE C 104 24.60 47.66 -4.90
N LEU C 105 23.97 46.53 -5.25
CA LEU C 105 23.17 46.43 -6.49
C LEU C 105 21.83 47.18 -6.43
N ALA C 106 21.33 47.36 -5.20
CA ALA C 106 20.14 48.15 -4.92
C ALA C 106 20.38 49.65 -5.09
N GLU C 107 21.62 50.10 -4.87
CA GLU C 107 21.97 51.52 -5.05
C GLU C 107 22.38 51.80 -6.49
N LYS C 108 22.48 50.74 -7.29
CA LYS C 108 22.66 50.86 -8.77
C LYS C 108 21.31 50.69 -9.53
N GLU C 109 21.20 51.26 -10.73
CA GLU C 109 20.06 50.98 -11.62
C GLU C 109 20.05 49.50 -12.10
N SER C 110 18.93 49.03 -12.65
CA SER C 110 18.79 47.62 -13.09
C SER C 110 19.97 47.11 -13.94
N LEU C 111 20.47 45.93 -13.61
CA LEU C 111 21.68 45.36 -14.23
C LEU C 111 21.29 44.39 -15.33
N THR C 112 21.90 44.55 -16.50
CA THR C 112 21.78 43.61 -17.63
C THR C 112 22.14 42.18 -17.23
N GLU C 113 21.59 41.20 -17.95
CA GLU C 113 22.00 39.81 -17.83
C GLU C 113 23.51 39.73 -17.99
N GLU C 114 24.03 40.25 -19.10
CA GLU C 114 25.46 40.42 -19.28
C GLU C 114 26.14 41.04 -18.04
N GLU C 115 25.58 42.12 -17.48
CA GLU C 115 26.12 42.73 -16.25
C GLU C 115 26.12 41.83 -15.01
N ALA C 116 25.01 41.14 -14.74
CA ALA C 116 24.87 40.28 -13.56
C ALA C 116 25.79 39.08 -13.61
N THR C 117 25.99 38.57 -14.82
CA THR C 117 26.92 37.48 -15.11
C THR C 117 28.36 37.77 -14.68
N GLU C 118 28.80 39.00 -14.91
CA GLU C 118 30.09 39.46 -14.45
C GLU C 118 30.26 39.05 -12.97
N PHE C 119 29.30 39.41 -12.11
CA PHE C 119 29.40 39.04 -10.69
C PHE C 119 29.25 37.54 -10.40
N LEU C 120 28.26 36.91 -11.00
CA LEU C 120 28.02 35.51 -10.77
C LEU C 120 29.26 34.64 -11.07
N LYS C 121 29.92 34.90 -12.20
CA LYS C 121 31.13 34.19 -12.66
C LYS C 121 32.18 34.12 -11.55
N GLN C 122 32.59 35.28 -11.05
CA GLN C 122 33.39 35.38 -9.84
C GLN C 122 32.93 34.50 -8.67
N ILE C 123 31.61 34.33 -8.47
CA ILE C 123 31.12 33.41 -7.45
C ILE C 123 31.41 31.99 -7.90
N LEU C 124 30.96 31.63 -9.09
CA LEU C 124 31.30 30.36 -9.70
C LEU C 124 32.79 30.03 -9.59
N ASN C 125 33.65 31.05 -9.59
CA ASN C 125 35.09 30.83 -9.56
C ASN C 125 35.64 30.49 -8.18
N GLY C 126 35.08 31.12 -7.14
CA GLY C 126 35.47 30.72 -5.79
C GLY C 126 34.98 29.32 -5.49
N VAL C 127 33.80 28.99 -5.97
CA VAL C 127 33.19 27.74 -5.58
C VAL C 127 33.86 26.56 -6.27
N TYR C 128 34.29 26.81 -7.50
CA TYR C 128 35.07 25.85 -8.26
C TYR C 128 36.31 25.53 -7.43
N TYR C 129 37.04 26.56 -7.04
CA TYR C 129 38.24 26.40 -6.23
C TYR C 129 37.97 25.64 -4.92
N LEU C 130 36.85 25.95 -4.28
CA LEU C 130 36.48 25.28 -3.06
C LEU C 130 36.13 23.82 -3.35
N HIS C 131 35.31 23.60 -4.37
CA HIS C 131 34.88 22.25 -4.70
C HIS C 131 36.03 21.44 -5.24
N SER C 132 37.02 22.10 -5.86
CA SER C 132 38.20 21.39 -6.30
C SER C 132 39.08 20.90 -5.12
N LEU C 133 38.76 21.35 -3.91
CA LEU C 133 39.48 20.96 -2.71
C LEU C 133 38.58 20.16 -1.78
N GLN C 134 37.47 19.72 -2.34
CA GLN C 134 36.49 18.96 -1.58
C GLN C 134 35.88 19.74 -0.42
N ILE C 135 35.77 21.06 -0.57
CA ILE C 135 35.18 21.93 0.48
C ILE C 135 33.84 22.45 0.07
N ALA C 136 32.83 22.11 0.86
CA ALA C 136 31.48 22.63 0.73
C ALA C 136 31.28 23.81 1.69
N HIS C 137 30.87 24.96 1.16
CA HIS C 137 30.72 26.18 1.98
C HIS C 137 29.53 26.07 2.87
N PHE C 138 28.45 25.46 2.37
CA PHE C 138 27.16 25.27 3.12
C PHE C 138 26.41 26.51 3.68
N ASP C 139 26.86 27.76 3.41
CA ASP C 139 26.12 28.99 3.85
C ASP C 139 26.17 30.11 2.82
N LEU C 140 26.15 29.76 1.52
CA LEU C 140 26.18 30.76 0.45
C LEU C 140 24.84 31.42 0.33
N LYS C 141 24.82 32.68 0.75
CA LYS C 141 23.61 33.48 0.74
C LYS C 141 24.14 34.88 0.62
N PRO C 142 23.26 35.84 0.25
CA PRO C 142 23.78 37.16 -0.15
C PRO C 142 24.60 37.86 0.94
N GLU C 143 24.15 37.80 2.18
CA GLU C 143 24.86 38.51 3.23
C GLU C 143 26.25 37.96 3.46
N ASN C 144 26.50 36.78 2.89
CA ASN C 144 27.84 36.19 2.91
C ASN C 144 28.61 36.43 1.61
N ILE C 145 27.98 37.07 0.62
CA ILE C 145 28.65 37.49 -0.62
C ILE C 145 29.03 38.97 -0.54
N MET C 146 30.33 39.24 -0.54
CA MET C 146 30.82 40.57 -0.25
C MET C 146 31.48 41.22 -1.48
N LEU C 147 31.91 42.47 -1.35
CA LEU C 147 32.70 43.14 -2.39
C LEU C 147 33.99 43.64 -1.80
N LEU C 148 35.09 43.44 -2.51
CA LEU C 148 36.39 43.90 -2.02
C LEU C 148 36.39 45.41 -1.87
N ASP C 149 36.11 46.08 -2.98
CA ASP C 149 36.05 47.50 -2.96
C ASP C 149 34.92 47.91 -3.88
N ARG C 150 34.03 48.71 -3.33
CA ARG C 150 32.82 49.17 -3.99
C ARG C 150 32.99 50.24 -5.10
N ASN C 151 34.18 50.82 -5.23
CA ASN C 151 34.36 51.97 -6.12
C ASN C 151 35.10 51.70 -7.42
N VAL C 152 35.75 50.55 -7.47
CA VAL C 152 36.37 50.02 -8.68
C VAL C 152 35.30 49.77 -9.75
N PRO C 153 35.64 49.95 -11.05
CA PRO C 153 34.60 49.76 -12.05
C PRO C 153 34.15 48.28 -12.26
N LYS C 154 34.94 47.33 -11.77
CA LYS C 154 34.55 45.92 -11.84
C LYS C 154 34.82 45.22 -10.50
N PRO C 155 33.96 45.45 -9.49
CA PRO C 155 34.19 44.94 -8.14
C PRO C 155 34.52 43.45 -8.08
N ARG C 156 35.48 43.09 -7.24
CA ARG C 156 35.81 41.69 -6.98
C ARG C 156 35.00 41.19 -5.78
N ILE C 157 34.27 40.09 -5.97
CA ILE C 157 33.54 39.50 -4.86
C ILE C 157 34.45 38.68 -3.96
N LYS C 158 34.14 38.70 -2.68
CA LYS C 158 34.81 37.86 -1.72
C LYS C 158 33.78 36.94 -1.04
N ILE C 159 33.91 35.62 -1.18
CA ILE C 159 33.07 34.72 -0.37
C ILE C 159 33.64 34.70 1.04
N ILE C 160 32.78 34.92 2.02
CA ILE C 160 33.22 34.98 3.42
C ILE C 160 32.45 33.98 4.33
N ASP C 161 32.74 33.97 5.63
CA ASP C 161 31.94 33.27 6.66
C ASP C 161 31.92 31.76 6.50
N PHE C 162 33.00 31.12 6.94
CA PHE C 162 33.18 29.67 6.78
C PHE C 162 32.65 28.82 7.95
N GLY C 163 31.70 29.37 8.70
CA GLY C 163 31.25 28.76 9.95
C GLY C 163 30.54 27.42 9.87
N LEU C 164 30.02 27.09 8.69
CA LEU C 164 29.41 25.79 8.42
C LEU C 164 30.30 24.95 7.50
N ALA C 165 31.36 25.55 6.96
CA ALA C 165 32.08 24.91 5.90
C ALA C 165 32.69 23.59 6.40
N HIS C 166 32.66 22.55 5.55
CA HIS C 166 33.09 21.19 5.89
C HIS C 166 33.86 20.59 4.77
N LYS C 167 34.84 19.76 5.08
CA LYS C 167 35.42 18.87 4.08
C LYS C 167 34.44 17.75 3.72
N ILE C 168 34.35 17.40 2.46
CA ILE C 168 33.45 16.35 2.02
C ILE C 168 34.32 15.16 1.61
N ASP C 169 33.94 13.94 2.03
CA ASP C 169 34.75 12.74 1.67
C ASP C 169 34.25 12.07 0.37
N PRO C 181 23.88 -5.65 4.90
CA PRO C 181 22.66 -5.27 4.14
C PRO C 181 21.34 -5.85 4.72
N GLU C 182 21.22 -7.17 4.78
CA GLU C 182 20.14 -7.81 5.52
C GLU C 182 19.83 -7.13 6.86
N PHE C 183 20.89 -6.75 7.58
CA PHE C 183 20.80 -6.31 8.97
C PHE C 183 20.81 -4.78 9.18
N VAL C 184 20.88 -4.03 8.08
CA VAL C 184 20.93 -2.58 8.16
C VAL C 184 19.54 -1.89 8.07
N ALA C 185 19.35 -0.81 8.84
CA ALA C 185 18.10 -0.07 8.91
C ALA C 185 17.84 0.68 7.63
N PRO C 186 16.56 0.94 7.31
CA PRO C 186 16.15 1.68 6.12
C PRO C 186 16.97 2.94 5.91
N GLU C 187 17.09 3.78 6.95
CA GLU C 187 17.74 5.10 6.82
C GLU C 187 19.20 5.02 6.53
N ILE C 188 19.82 3.91 6.93
CA ILE C 188 21.18 3.62 6.48
C ILE C 188 21.18 3.09 5.05
N VAL C 189 20.26 2.20 4.71
CA VAL C 189 20.22 1.75 3.32
C VAL C 189 20.04 2.99 2.46
N ASN C 190 19.16 3.91 2.90
CA ASN C 190 18.88 5.16 2.19
C ASN C 190 19.67 6.38 2.70
N TYR C 191 20.92 6.17 3.06
CA TYR C 191 21.72 7.30 3.45
C TYR C 191 22.42 7.95 2.25
N GLU C 192 22.43 9.28 2.22
CA GLU C 192 23.18 10.09 1.25
C GLU C 192 23.83 11.30 1.99
N PRO C 193 25.14 11.29 2.13
CA PRO C 193 25.75 12.40 2.88
C PRO C 193 25.58 13.74 2.17
N LEU C 194 25.17 14.78 2.92
CA LEU C 194 25.16 16.19 2.41
C LEU C 194 26.47 16.39 1.69
N GLY C 195 26.43 17.02 0.51
CA GLY C 195 27.65 17.30 -0.25
C GLY C 195 27.76 18.67 -0.92
N LEU C 196 28.68 18.72 -1.90
CA LEU C 196 28.88 19.89 -2.75
C LEU C 196 27.62 20.40 -3.49
N GLU C 197 26.66 19.50 -3.76
CA GLU C 197 25.46 19.90 -4.48
C GLU C 197 24.65 20.93 -3.72
N ALA C 198 24.70 20.89 -2.39
CA ALA C 198 23.97 21.88 -1.63
C ALA C 198 24.41 23.28 -2.04
N ASP C 199 25.73 23.51 -2.15
CA ASP C 199 26.25 24.81 -2.63
C ASP C 199 25.63 25.23 -3.98
N MET C 200 25.45 24.24 -4.87
CA MET C 200 24.94 24.45 -6.23
C MET C 200 23.48 24.93 -6.26
N TRP C 201 22.67 24.32 -5.40
CA TRP C 201 21.33 24.80 -5.10
C TRP C 201 21.36 26.25 -4.70
N SER C 202 22.23 26.58 -3.77
CA SER C 202 22.31 27.94 -3.29
C SER C 202 22.61 28.95 -4.40
N ILE C 203 23.62 28.66 -5.20
CA ILE C 203 23.92 29.46 -6.38
C ILE C 203 22.67 29.69 -7.26
N GLY C 204 21.91 28.62 -7.47
CA GLY C 204 20.66 28.68 -8.23
C GLY C 204 19.71 29.71 -7.61
N VAL C 205 19.58 29.64 -6.29
CA VAL C 205 18.78 30.58 -5.57
C VAL C 205 19.32 32.03 -5.71
N ILE C 206 20.64 32.18 -5.65
CA ILE C 206 21.28 33.48 -5.67
C ILE C 206 21.14 34.16 -7.02
N THR C 207 21.26 33.35 -8.07
CA THR C 207 21.08 33.80 -9.43
C THR C 207 19.63 34.27 -9.62
N TYR C 208 18.70 33.58 -8.97
CA TYR C 208 17.29 33.90 -9.06
C TYR C 208 17.02 35.29 -8.48
N ILE C 209 17.46 35.56 -7.25
CA ILE C 209 17.22 36.88 -6.67
C ILE C 209 17.98 37.91 -7.50
N LEU C 210 19.19 37.56 -7.88
CA LEU C 210 20.03 38.47 -8.63
C LEU C 210 19.41 39.07 -9.90
N LEU C 211 18.59 38.27 -10.59
CA LEU C 211 17.92 38.71 -11.83
C LEU C 211 16.58 39.42 -11.65
N SER C 212 15.97 39.23 -10.48
CA SER C 212 14.69 39.84 -10.12
C SER C 212 14.62 39.73 -8.62
N GLY C 213 14.79 40.86 -7.94
CA GLY C 213 14.77 40.94 -6.46
C GLY C 213 13.96 39.93 -5.65
N ALA C 214 13.13 39.13 -6.28
CA ALA C 214 12.27 38.14 -5.59
C ALA C 214 13.00 36.85 -5.14
N SER C 215 12.67 36.39 -3.93
CA SER C 215 13.19 35.15 -3.35
C SER C 215 12.24 33.98 -3.59
N PRO C 216 12.62 33.01 -4.45
CA PRO C 216 11.75 31.94 -5.00
C PRO C 216 10.99 30.99 -4.05
N PHE C 217 11.43 30.83 -2.80
CA PHE C 217 10.70 29.92 -1.90
C PHE C 217 10.21 30.64 -0.66
N LEU C 218 10.62 31.90 -0.51
CA LEU C 218 10.09 32.69 0.58
C LEU C 218 8.58 32.49 0.69
N GLY C 219 8.14 32.02 1.85
CA GLY C 219 6.71 31.92 2.13
C GLY C 219 6.27 33.08 3.02
N ASP C 220 4.98 33.10 3.36
CA ASP C 220 4.48 34.09 4.33
C ASP C 220 5.01 33.71 5.74
N THR C 221 4.89 32.41 6.08
CA THR C 221 5.49 31.83 7.29
C THR C 221 6.83 31.16 6.96
N LYS C 222 7.66 30.96 7.99
CA LYS C 222 8.94 30.22 7.88
C LYS C 222 8.69 28.75 7.64
N GLN C 223 7.58 28.25 8.17
CA GLN C 223 7.09 26.91 7.81
C GLN C 223 6.66 26.87 6.34
N GLU C 224 6.07 27.96 5.84
CA GLU C 224 5.71 27.99 4.45
C GLU C 224 6.98 27.90 3.58
N THR C 225 7.95 28.79 3.84
CA THR C 225 9.20 28.76 3.10
C THR C 225 9.79 27.33 3.03
N LEU C 226 9.77 26.64 4.17
CA LEU C 226 10.30 25.28 4.29
C LEU C 226 9.60 24.25 3.36
N ALA C 227 8.28 24.26 3.36
CA ALA C 227 7.53 23.39 2.47
C ALA C 227 7.90 23.72 1.03
N ASN C 228 7.96 25.01 0.72
CA ASN C 228 8.35 25.46 -0.61
C ASN C 228 9.66 24.85 -1.10
N VAL C 229 10.73 25.06 -0.33
CA VAL C 229 12.06 24.51 -0.62
C VAL C 229 11.93 23.01 -0.76
N SER C 230 11.41 22.40 0.30
CA SER C 230 11.13 20.98 0.35
C SER C 230 10.51 20.41 -0.91
N ALA C 231 9.59 21.15 -1.51
CA ALA C 231 8.85 20.66 -2.66
C ALA C 231 9.30 21.35 -3.95
N VAL C 232 10.46 22.03 -3.90
CA VAL C 232 10.99 22.77 -5.05
C VAL C 232 9.80 23.50 -5.74
N ASN C 233 9.05 24.25 -4.94
CA ASN C 233 7.85 24.97 -5.39
C ASN C 233 8.18 26.46 -5.65
N TYR C 234 8.42 26.76 -6.91
CA TYR C 234 8.71 28.13 -7.31
C TYR C 234 8.31 28.25 -8.75
N GLU C 235 8.07 29.47 -9.20
CA GLU C 235 7.60 29.69 -10.56
C GLU C 235 8.37 30.87 -11.12
N PHE C 236 8.36 30.99 -12.45
CA PHE C 236 8.87 32.18 -13.10
C PHE C 236 7.68 33.08 -13.41
N GLU C 237 7.14 33.67 -12.34
CA GLU C 237 6.02 34.62 -12.45
C GLU C 237 6.47 35.82 -13.30
N ASP C 238 5.74 36.06 -14.40
CA ASP C 238 6.09 37.03 -15.46
C ASP C 238 6.16 38.49 -15.00
N GLU C 239 5.66 38.78 -13.79
CA GLU C 239 5.83 40.11 -13.16
C GLU C 239 7.31 40.47 -13.08
N TYR C 240 8.10 39.56 -12.53
CA TYR C 240 9.50 39.83 -12.22
C TYR C 240 10.48 39.27 -13.28
N PHE C 241 9.99 38.38 -14.17
CA PHE C 241 10.88 37.72 -15.14
C PHE C 241 10.65 38.13 -16.60
N SER C 242 9.78 39.11 -16.82
CA SER C 242 9.39 39.54 -18.18
C SER C 242 10.60 39.67 -19.13
N ASN C 243 11.59 40.45 -18.71
CA ASN C 243 12.76 40.69 -19.53
C ASN C 243 13.96 39.84 -19.08
N THR C 244 13.71 38.55 -18.80
CA THR C 244 14.82 37.58 -18.56
C THR C 244 14.86 36.48 -19.64
N SER C 245 16.06 36.10 -20.04
CA SER C 245 16.31 35.15 -21.13
C SER C 245 15.92 33.73 -20.79
N ALA C 246 15.88 32.89 -21.82
CA ALA C 246 15.53 31.50 -21.63
C ALA C 246 16.79 30.78 -21.22
N LEU C 247 17.94 31.28 -21.72
CA LEU C 247 19.23 30.78 -21.26
C LEU C 247 19.34 30.86 -19.74
N ALA C 248 19.02 32.04 -19.21
CA ALA C 248 19.06 32.34 -17.77
C ALA C 248 18.09 31.45 -17.02
N LYS C 249 16.86 31.33 -17.49
CA LYS C 249 15.92 30.47 -16.76
C LYS C 249 16.37 29.02 -16.76
N ASP C 250 16.93 28.58 -17.88
CA ASP C 250 17.42 27.21 -18.00
C ASP C 250 18.59 26.94 -17.05
N PHE C 251 19.50 27.90 -16.92
CA PHE C 251 20.58 27.80 -15.93
C PHE C 251 19.95 27.51 -14.57
N ILE C 252 18.90 28.28 -14.25
CA ILE C 252 18.32 28.20 -12.90
C ILE C 252 17.58 26.84 -12.73
N ARG C 253 16.75 26.49 -13.72
CA ARG C 253 16.02 25.23 -13.72
C ARG C 253 16.98 24.10 -13.44
N ARG C 254 18.22 24.28 -13.90
CA ARG C 254 19.19 23.22 -13.86
C ARG C 254 19.91 23.10 -12.53
N LEU C 255 19.84 24.13 -11.70
CA LEU C 255 20.37 24.05 -10.32
C LEU C 255 19.28 23.81 -9.27
N LEU C 256 18.11 24.41 -9.44
CA LEU C 256 17.04 24.14 -8.47
C LEU C 256 16.36 22.76 -8.68
N VAL C 257 17.04 21.69 -8.25
CA VAL C 257 16.64 20.32 -8.56
C VAL C 257 16.68 19.52 -7.26
N LYS C 258 15.59 18.82 -6.94
CA LYS C 258 15.43 18.10 -5.66
C LYS C 258 16.50 17.03 -5.45
N ASP C 259 16.73 16.27 -6.51
CA ASP C 259 17.71 15.21 -6.47
C ASP C 259 19.08 15.81 -6.71
N PRO C 260 19.86 15.94 -5.62
CA PRO C 260 21.20 16.49 -5.67
C PRO C 260 22.03 15.82 -6.74
N LYS C 261 21.95 14.48 -6.83
CA LYS C 261 22.69 13.74 -7.89
C LYS C 261 22.30 14.15 -9.34
N LYS C 262 21.09 14.67 -9.53
CA LYS C 262 20.67 15.21 -10.84
C LYS C 262 21.01 16.70 -11.05
N ARG C 263 21.60 17.36 -10.06
CA ARG C 263 21.97 18.79 -10.19
C ARG C 263 23.15 19.07 -11.14
N MET C 264 23.30 20.32 -11.55
CA MET C 264 24.47 20.77 -12.31
C MET C 264 25.64 20.87 -11.32
N THR C 265 26.79 20.31 -11.67
CA THR C 265 27.95 20.43 -10.80
C THR C 265 28.64 21.74 -11.14
N ILE C 266 29.45 22.30 -10.25
CA ILE C 266 30.10 23.61 -10.53
C ILE C 266 30.76 23.65 -11.91
N GLN C 267 31.43 22.56 -12.27
CA GLN C 267 32.04 22.43 -13.59
C GLN C 267 30.99 22.53 -14.68
N ASP C 268 29.94 21.71 -14.57
CA ASP C 268 28.80 21.78 -15.50
C ASP C 268 28.37 23.23 -15.68
N SER C 269 28.20 23.94 -14.57
CA SER C 269 27.71 25.33 -14.58
C SER C 269 28.65 26.28 -15.27
N LEU C 270 29.94 26.02 -15.17
CA LEU C 270 30.92 26.84 -15.85
C LEU C 270 30.92 26.58 -17.36
N GLN C 271 30.47 25.40 -17.78
CA GLN C 271 30.23 25.09 -19.22
C GLN C 271 28.85 25.54 -19.80
N HIS C 272 27.91 25.90 -18.92
CA HIS C 272 26.59 26.32 -19.37
C HIS C 272 26.70 27.42 -20.39
N PRO C 273 25.98 27.29 -21.52
CA PRO C 273 26.01 28.28 -22.61
C PRO C 273 25.62 29.70 -22.17
N TRP C 274 25.09 29.84 -20.96
CA TRP C 274 24.84 31.18 -20.41
C TRP C 274 26.06 31.82 -19.81
N ILE C 275 27.02 30.99 -19.38
CA ILE C 275 28.26 31.50 -18.78
C ILE C 275 29.41 31.49 -19.80
N LYS C 276 29.56 30.40 -20.56
CA LYS C 276 30.49 30.38 -21.72
C LYS C 276 29.72 30.72 -22.98
N GLU D 7 56.60 0.87 20.68
CA GLU D 7 57.27 -0.46 20.89
C GLU D 7 56.84 -1.52 19.88
N ASN D 8 57.67 -2.56 19.79
CA ASN D 8 57.45 -3.72 18.92
C ASN D 8 56.58 -4.72 19.64
N VAL D 9 55.40 -4.97 19.08
CA VAL D 9 54.45 -5.90 19.66
C VAL D 9 55.06 -7.27 19.94
N ASP D 10 55.97 -7.69 19.05
CA ASP D 10 56.55 -9.04 19.08
C ASP D 10 57.46 -9.21 20.28
N ASP D 11 57.68 -8.13 21.02
CA ASP D 11 58.43 -8.22 22.28
C ASP D 11 57.55 -8.40 23.51
N TYR D 12 56.24 -8.27 23.33
CA TYR D 12 55.30 -8.42 24.43
C TYR D 12 54.40 -9.61 24.23
N TYR D 13 54.24 -10.06 22.99
CA TYR D 13 53.36 -11.18 22.65
C TYR D 13 53.97 -12.23 21.71
N ASP D 14 53.53 -13.49 21.86
CA ASP D 14 53.78 -14.57 20.90
C ASP D 14 52.55 -14.79 20.00
N THR D 15 52.66 -14.46 18.70
CA THR D 15 51.49 -14.54 17.80
C THR D 15 51.18 -16.00 17.40
N GLY D 16 49.89 -16.27 17.14
CA GLY D 16 49.40 -17.62 16.88
C GLY D 16 48.15 -17.65 16.02
N GLU D 17 47.40 -18.76 16.10
CA GLU D 17 46.21 -19.05 15.25
C GLU D 17 45.43 -17.83 14.69
N GLU D 18 45.31 -17.74 13.37
CA GLU D 18 44.75 -16.55 12.70
C GLU D 18 43.22 -16.47 12.60
N LEU D 19 42.58 -15.97 13.66
CA LEU D 19 41.11 -15.99 13.80
C LEU D 19 40.24 -14.98 12.98
N GLY D 20 40.64 -14.67 11.75
CA GLY D 20 39.81 -13.81 10.88
C GLY D 20 40.54 -12.81 9.99
N SER D 21 39.76 -12.06 9.18
CA SER D 21 40.28 -11.05 8.24
C SER D 21 39.18 -10.17 7.60
N GLY D 22 39.23 -8.86 7.88
CA GLY D 22 38.27 -7.90 7.32
C GLY D 22 38.71 -7.31 5.98
N GLN D 23 38.01 -6.27 5.54
CA GLN D 23 38.29 -5.59 4.25
C GLN D 23 39.65 -4.83 4.20
N PHE D 24 40.34 -4.81 5.33
CA PHE D 24 41.68 -4.22 5.47
C PHE D 24 42.26 -4.54 6.86
N ALA D 25 41.85 -5.67 7.44
CA ALA D 25 42.27 -6.06 8.79
C ALA D 25 42.59 -7.56 8.94
N VAL D 26 43.52 -7.87 9.83
CA VAL D 26 43.82 -9.25 10.24
C VAL D 26 43.68 -9.40 11.78
N VAL D 27 42.98 -10.45 12.20
CA VAL D 27 42.70 -10.67 13.62
C VAL D 27 43.17 -12.06 14.06
N LYS D 28 44.38 -12.09 14.61
CA LYS D 28 45.01 -13.33 15.10
C LYS D 28 44.98 -13.42 16.64
N LYS D 29 45.19 -14.60 17.21
CA LYS D 29 45.27 -14.71 18.66
C LYS D 29 46.73 -14.72 19.19
N CYS D 30 46.95 -14.16 20.38
CA CYS D 30 48.30 -14.04 20.96
C CYS D 30 48.38 -14.39 22.43
N ARG D 31 49.56 -14.84 22.86
CA ARG D 31 49.88 -14.99 24.29
C ARG D 31 50.80 -13.84 24.71
N GLU D 32 50.37 -13.10 25.72
CA GLU D 32 51.19 -12.10 26.42
C GLU D 32 52.38 -12.83 27.04
N LYS D 33 53.58 -12.51 26.60
CA LYS D 33 54.73 -13.24 27.08
C LYS D 33 54.79 -13.22 28.61
N SER D 34 54.55 -12.05 29.20
CA SER D 34 54.77 -11.85 30.64
C SER D 34 53.84 -12.64 31.54
N THR D 35 52.60 -12.80 31.08
CA THR D 35 51.55 -13.29 31.96
C THR D 35 50.99 -14.66 31.59
N GLY D 36 51.26 -15.09 30.37
CA GLY D 36 50.64 -16.29 29.80
C GLY D 36 49.18 -16.23 29.39
N LEU D 37 48.52 -15.08 29.50
CA LEU D 37 47.10 -14.98 29.13
C LEU D 37 46.89 -14.81 27.63
N GLN D 38 45.74 -15.28 27.18
CA GLN D 38 45.39 -15.36 25.79
C GLN D 38 44.71 -14.08 25.32
N TYR D 39 45.08 -13.58 24.16
CA TYR D 39 44.42 -12.36 23.67
C TYR D 39 44.08 -12.46 22.19
N ALA D 40 43.31 -11.48 21.70
CA ALA D 40 43.05 -11.34 20.28
C ALA D 40 43.69 -10.05 19.72
N ALA D 41 44.70 -10.17 18.88
CA ALA D 41 45.31 -9.00 18.25
C ALA D 41 44.63 -8.67 16.94
N LYS D 42 44.36 -7.39 16.74
CA LYS D 42 43.66 -6.90 15.56
C LYS D 42 44.61 -5.92 14.96
N PHE D 43 45.26 -6.33 13.88
CA PHE D 43 46.13 -5.44 13.10
C PHE D 43 45.23 -4.74 12.05
N ILE D 44 45.04 -3.43 12.24
CA ILE D 44 44.02 -2.67 11.53
C ILE D 44 44.64 -1.47 10.79
N VAL D 56 43.15 1.91 7.00
CA VAL D 56 41.94 2.69 7.24
C VAL D 56 42.33 4.14 7.52
N SER D 57 41.32 5.00 7.59
CA SER D 57 41.47 6.38 8.04
C SER D 57 41.95 6.40 9.49
N ARG D 58 43.01 7.17 9.72
CA ARG D 58 43.54 7.44 11.05
C ARG D 58 42.48 8.01 12.00
N GLU D 59 41.57 8.81 11.45
CA GLU D 59 40.42 9.35 12.20
C GLU D 59 39.49 8.24 12.69
N ASP D 60 39.18 7.29 11.80
CA ASP D 60 38.31 6.17 12.11
C ASP D 60 38.96 5.21 13.12
N ILE D 61 40.27 5.05 12.98
CA ILE D 61 41.06 4.31 13.95
C ILE D 61 41.03 4.94 15.35
N GLU D 62 41.09 6.27 15.45
CA GLU D 62 41.03 6.94 16.77
C GLU D 62 39.66 6.72 17.43
N ARG D 63 38.61 6.84 16.63
CA ARG D 63 37.24 6.72 17.10
C ARG D 63 37.05 5.34 17.69
N GLU D 64 37.48 4.33 16.95
CA GLU D 64 37.35 2.95 17.42
C GLU D 64 38.09 2.84 18.74
N VAL D 65 39.40 3.10 18.71
CA VAL D 65 40.21 2.94 19.89
C VAL D 65 39.59 3.76 21.01
N SER D 66 39.19 4.99 20.72
CA SER D 66 38.58 5.85 21.75
C SER D 66 37.32 5.27 22.38
N ILE D 67 36.36 4.88 21.56
CA ILE D 67 35.17 4.18 22.10
C ILE D 67 35.57 2.94 22.92
N LEU D 68 36.32 2.03 22.32
CA LEU D 68 36.86 0.87 23.04
C LEU D 68 37.49 1.22 24.39
N LYS D 69 38.29 2.29 24.41
CA LYS D 69 38.95 2.74 25.62
C LYS D 69 37.91 3.07 26.66
N GLU D 70 36.76 3.59 26.22
CA GLU D 70 35.79 4.12 27.18
C GLU D 70 34.88 3.07 27.79
N ILE D 71 34.72 1.93 27.13
CA ILE D 71 33.68 0.96 27.50
C ILE D 71 34.10 -0.17 28.45
N GLN D 72 33.43 -0.27 29.58
CA GLN D 72 33.58 -1.44 30.40
C GLN D 72 32.19 -1.96 30.69
N HIS D 73 31.90 -3.18 30.22
CA HIS D 73 30.62 -3.86 30.52
C HIS D 73 30.74 -5.34 30.29
N PRO D 74 30.06 -6.16 31.13
CA PRO D 74 30.27 -7.59 30.97
C PRO D 74 29.97 -8.09 29.57
N ASN D 75 29.08 -7.41 28.84
CA ASN D 75 28.61 -7.92 27.55
C ASN D 75 29.23 -7.35 26.26
N VAL D 76 30.18 -6.42 26.38
CA VAL D 76 30.95 -5.93 25.24
C VAL D 76 32.42 -6.27 25.49
N ILE D 77 33.14 -6.44 24.39
CA ILE D 77 34.57 -6.68 24.42
C ILE D 77 35.41 -5.60 25.17
N THR D 78 36.43 -6.07 25.89
CA THR D 78 37.34 -5.19 26.65
C THR D 78 38.65 -4.94 25.86
N LEU D 79 39.15 -3.70 25.90
CA LEU D 79 40.45 -3.32 25.31
C LEU D 79 41.63 -3.48 26.27
N HIS D 80 42.63 -4.24 25.84
CA HIS D 80 43.82 -4.41 26.67
C HIS D 80 44.87 -3.37 26.37
N GLU D 81 45.30 -3.28 25.11
CA GLU D 81 46.42 -2.46 24.73
C GLU D 81 46.40 -2.05 23.26
N VAL D 82 47.19 -1.02 22.97
CA VAL D 82 47.30 -0.49 21.63
C VAL D 82 48.74 -0.22 21.29
N TYR D 83 49.15 -0.74 20.13
CA TYR D 83 50.46 -0.51 19.58
C TYR D 83 50.32 0.06 18.18
N GLU D 84 51.17 1.03 17.85
CA GLU D 84 51.36 1.50 16.46
C GLU D 84 52.72 1.04 15.95
N ASN D 85 52.81 0.73 14.65
CA ASN D 85 54.08 0.74 13.91
C ASN D 85 53.82 1.38 12.54
N LYS D 86 54.87 1.61 11.76
CA LYS D 86 54.77 2.39 10.52
C LYS D 86 53.56 2.00 9.62
N THR D 87 53.14 0.74 9.67
CA THR D 87 52.06 0.27 8.81
C THR D 87 50.73 0.05 9.56
N ASP D 88 50.74 -0.85 10.55
CA ASP D 88 49.52 -1.27 11.24
C ASP D 88 49.37 -0.62 12.62
N VAL D 89 48.12 -0.40 13.03
CA VAL D 89 47.81 0.02 14.40
C VAL D 89 47.17 -1.17 15.13
N ILE D 90 47.88 -1.79 16.08
CA ILE D 90 47.40 -3.09 16.63
C ILE D 90 46.66 -3.02 17.95
N LEU D 91 45.40 -3.46 17.93
CA LEU D 91 44.59 -3.47 19.14
C LEU D 91 44.62 -4.84 19.79
N ILE D 92 44.86 -4.85 21.09
CA ILE D 92 44.95 -6.08 21.81
C ILE D 92 43.64 -6.14 22.52
N LEU D 93 42.76 -6.98 21.98
CA LEU D 93 41.38 -7.06 22.44
C LEU D 93 41.23 -8.28 23.31
N GLU D 94 40.22 -8.25 24.16
CA GLU D 94 39.84 -9.43 24.90
C GLU D 94 39.55 -10.59 23.96
N LEU D 95 40.00 -11.80 24.30
CA LEU D 95 39.73 -12.98 23.49
C LEU D 95 38.35 -13.54 23.72
N VAL D 96 37.55 -13.64 22.67
CA VAL D 96 36.27 -14.35 22.75
C VAL D 96 36.36 -15.69 22.02
N ALA D 97 36.51 -16.78 22.76
CA ALA D 97 36.79 -18.05 22.11
C ALA D 97 35.60 -19.02 21.91
N GLY D 98 34.37 -18.54 22.06
CA GLY D 98 33.20 -19.41 21.92
C GLY D 98 32.51 -19.34 20.57
N GLY D 99 33.08 -18.59 19.64
CA GLY D 99 32.55 -18.50 18.30
C GLY D 99 31.28 -17.67 18.23
N GLU D 100 30.65 -17.67 17.06
CA GLU D 100 29.45 -16.90 16.81
C GLU D 100 28.26 -17.54 17.49
N LEU D 101 27.31 -16.70 17.91
CA LEU D 101 26.09 -17.18 18.60
C LEU D 101 25.32 -18.21 17.76
N PHE D 102 25.05 -17.86 16.52
CA PHE D 102 24.13 -18.62 15.68
C PHE D 102 24.74 -19.91 15.16
N ASP D 103 26.07 -19.92 15.01
CA ASP D 103 26.79 -21.14 14.71
C ASP D 103 26.56 -22.14 15.86
N PHE D 104 26.67 -21.64 17.09
CA PHE D 104 26.37 -22.44 18.29
C PHE D 104 24.90 -22.81 18.32
N LEU D 105 24.04 -21.83 18.07
CA LEU D 105 22.60 -22.06 18.19
C LEU D 105 22.03 -23.08 17.19
N ALA D 106 22.63 -23.14 16.01
CA ALA D 106 22.26 -24.11 14.96
C ALA D 106 22.86 -25.50 15.23
N GLU D 107 22.48 -26.07 16.37
CA GLU D 107 22.98 -27.37 16.82
C GLU D 107 22.16 -27.85 18.02
N THR D 112 13.54 -22.52 22.45
CA THR D 112 12.29 -22.06 23.04
C THR D 112 12.42 -20.57 23.27
N GLU D 113 11.30 -19.85 23.28
CA GLU D 113 11.28 -18.43 23.52
C GLU D 113 11.96 -17.96 24.79
N GLU D 114 11.76 -18.68 25.89
CA GLU D 114 12.52 -18.41 27.10
C GLU D 114 14.03 -18.45 26.80
N GLU D 115 14.48 -19.52 26.13
CA GLU D 115 15.91 -19.67 25.82
C GLU D 115 16.45 -18.56 24.92
N ALA D 116 15.71 -18.14 23.89
CA ALA D 116 16.22 -17.08 23.00
C ALA D 116 16.35 -15.72 23.75
N THR D 117 15.49 -15.60 24.75
CA THR D 117 15.31 -14.41 25.55
C THR D 117 16.48 -14.30 26.55
N GLU D 118 17.01 -15.42 26.99
CA GLU D 118 18.18 -15.37 27.82
C GLU D 118 19.30 -14.67 27.07
N PHE D 119 19.55 -15.11 25.83
CA PHE D 119 20.59 -14.51 24.99
C PHE D 119 20.29 -13.08 24.63
N LEU D 120 19.03 -12.82 24.30
CA LEU D 120 18.59 -11.51 23.84
C LEU D 120 18.73 -10.46 24.91
N LYS D 121 18.25 -10.76 26.11
CA LYS D 121 18.44 -9.90 27.27
C LYS D 121 19.91 -9.48 27.50
N GLN D 122 20.85 -10.33 27.12
CA GLN D 122 22.26 -9.96 27.28
C GLN D 122 22.69 -8.96 26.24
N ILE D 123 22.18 -9.14 25.02
CA ILE D 123 22.47 -8.25 23.94
C ILE D 123 21.87 -6.89 24.31
N LEU D 124 20.66 -6.90 24.87
CA LEU D 124 19.99 -5.68 25.25
C LEU D 124 20.77 -4.95 26.37
N ASN D 125 21.33 -5.70 27.31
CA ASN D 125 22.15 -5.03 28.31
C ASN D 125 23.36 -4.32 27.69
N GLY D 126 24.13 -5.01 26.84
CA GLY D 126 25.21 -4.37 26.06
C GLY D 126 24.82 -3.04 25.42
N VAL D 127 23.69 -3.05 24.72
CA VAL D 127 23.21 -1.87 24.03
C VAL D 127 22.70 -0.79 25.00
N TYR D 128 21.97 -1.17 26.04
CA TYR D 128 21.52 -0.23 27.05
C TYR D 128 22.70 0.58 27.53
N TYR D 129 23.81 -0.11 27.75
CA TYR D 129 25.04 0.48 28.25
C TYR D 129 25.66 1.38 27.19
N LEU D 130 25.73 0.89 25.95
CA LEU D 130 26.33 1.71 24.90
C LEU D 130 25.51 2.95 24.67
N HIS D 131 24.19 2.79 24.69
CA HIS D 131 23.30 3.91 24.42
C HIS D 131 23.35 4.92 25.54
N SER D 132 23.54 4.39 26.76
CA SER D 132 23.63 5.19 27.95
C SER D 132 24.89 6.06 27.91
N LEU D 133 25.79 5.74 27.00
CA LEU D 133 26.97 6.56 26.81
C LEU D 133 26.92 7.33 25.50
N GLN D 134 25.73 7.40 24.89
CA GLN D 134 25.50 7.98 23.57
C GLN D 134 26.34 7.29 22.51
N ILE D 135 26.63 6.00 22.66
CA ILE D 135 27.32 5.29 21.57
C ILE D 135 26.41 4.41 20.73
N ALA D 136 26.39 4.67 19.43
CA ALA D 136 25.75 3.77 18.46
C ALA D 136 26.79 2.85 17.88
N HIS D 137 26.43 1.58 17.79
CA HIS D 137 27.36 0.53 17.39
C HIS D 137 27.45 0.46 15.89
N PHE D 138 26.25 0.48 15.25
CA PHE D 138 26.08 0.51 13.77
C PHE D 138 26.52 -0.71 13.00
N ASP D 139 26.79 -1.85 13.66
CA ASP D 139 27.05 -3.09 12.90
C ASP D 139 26.57 -4.35 13.66
N LEU D 140 25.42 -4.23 14.29
CA LEU D 140 24.94 -5.33 15.07
C LEU D 140 24.32 -6.40 14.16
N LYS D 141 24.85 -7.62 14.25
CA LYS D 141 24.46 -8.73 13.36
C LYS D 141 25.06 -10.03 13.91
N PRO D 142 24.48 -11.19 13.56
CA PRO D 142 24.97 -12.46 14.08
C PRO D 142 26.48 -12.51 14.18
N GLU D 143 27.16 -12.09 13.12
CA GLU D 143 28.62 -12.14 13.06
C GLU D 143 29.30 -11.39 14.25
N ASN D 144 28.75 -10.30 14.73
CA ASN D 144 29.40 -9.55 15.78
C ASN D 144 28.83 -9.78 17.17
N ILE D 145 28.04 -10.85 17.25
CA ILE D 145 27.45 -11.35 18.49
C ILE D 145 28.14 -12.69 18.78
N MET D 146 28.93 -12.69 19.82
CA MET D 146 29.96 -13.68 19.97
C MET D 146 29.77 -14.28 21.36
N LEU D 147 30.14 -15.56 21.51
CA LEU D 147 30.10 -16.25 22.80
C LEU D 147 31.46 -16.29 23.47
N LEU D 148 31.49 -15.97 24.77
CA LEU D 148 32.74 -15.98 25.54
C LEU D 148 33.29 -17.40 25.66
N ASP D 149 32.42 -18.34 25.99
CA ASP D 149 32.78 -19.75 26.11
C ASP D 149 31.57 -20.64 25.85
N ARG D 150 31.73 -21.49 24.85
CA ARG D 150 30.71 -22.36 24.31
C ARG D 150 30.33 -23.53 25.24
N ASN D 151 31.29 -24.01 26.03
CA ASN D 151 31.14 -25.29 26.79
C ASN D 151 30.57 -25.14 28.21
N VAL D 152 30.56 -23.91 28.72
CA VAL D 152 29.93 -23.57 30.00
C VAL D 152 28.39 -23.74 29.82
N PRO D 153 27.60 -23.70 30.91
CA PRO D 153 26.18 -24.07 30.71
C PRO D 153 25.27 -22.94 30.19
N LYS D 154 25.33 -21.76 30.81
CA LYS D 154 24.67 -20.56 30.27
C LYS D 154 25.75 -19.60 29.78
N PRO D 155 26.05 -19.61 28.46
CA PRO D 155 27.19 -18.86 27.94
C PRO D 155 26.91 -17.37 27.84
N ARG D 156 27.93 -16.57 28.16
CA ARG D 156 27.85 -15.12 28.11
C ARG D 156 28.11 -14.63 26.71
N ILE D 157 27.26 -13.73 26.21
CA ILE D 157 27.58 -13.08 24.95
C ILE D 157 28.55 -11.87 25.10
N LYS D 158 29.44 -11.73 24.12
CA LYS D 158 30.29 -10.57 23.99
C LYS D 158 30.01 -9.92 22.66
N ILE D 159 29.62 -8.65 22.67
CA ILE D 159 29.44 -7.88 21.43
C ILE D 159 30.80 -7.38 20.94
N ILE D 160 31.13 -7.69 19.69
CA ILE D 160 32.44 -7.32 19.14
C ILE D 160 32.38 -6.33 17.96
N ASP D 161 33.56 -5.87 17.55
CA ASP D 161 33.77 -5.24 16.26
C ASP D 161 33.18 -3.83 16.23
N PHE D 162 33.92 -2.90 16.84
CA PHE D 162 33.51 -1.50 16.93
C PHE D 162 34.03 -0.64 15.80
N GLY D 163 34.46 -1.29 14.72
CA GLY D 163 34.98 -0.60 13.55
C GLY D 163 33.96 0.20 12.75
N LEU D 164 32.88 0.63 13.43
CA LEU D 164 31.85 1.47 12.80
C LEU D 164 31.08 2.31 13.82
N ALA D 165 31.29 2.06 15.11
CA ALA D 165 30.66 2.82 16.17
C ALA D 165 31.05 4.32 16.16
N HIS D 166 30.07 5.19 16.36
CA HIS D 166 30.33 6.63 16.60
C HIS D 166 29.50 7.13 17.75
N LYS D 167 29.87 8.31 18.25
CA LYS D 167 29.09 8.99 19.29
C LYS D 167 27.84 9.68 18.73
N ILE D 168 26.97 10.19 19.61
CA ILE D 168 25.75 10.90 19.21
C ILE D 168 25.52 12.18 20.02
N ASP D 169 25.02 13.23 19.35
CA ASP D 169 24.50 14.43 20.03
C ASP D 169 22.97 14.47 19.97
N THR D 180 18.29 32.45 5.99
CA THR D 180 19.06 31.21 5.81
C THR D 180 18.16 29.98 5.54
N PRO D 181 16.86 30.05 5.90
CA PRO D 181 16.09 28.87 5.55
C PRO D 181 15.44 29.00 4.15
N GLU D 182 15.53 30.18 3.54
CA GLU D 182 15.18 30.34 2.12
C GLU D 182 16.41 30.12 1.24
N PHE D 183 17.62 30.14 1.95
CA PHE D 183 18.88 30.05 1.21
C PHE D 183 19.40 28.67 1.20
N VAL D 184 18.62 27.64 1.61
CA VAL D 184 19.06 26.29 2.01
C VAL D 184 18.32 25.18 1.21
N ALA D 185 19.06 24.08 0.97
CA ALA D 185 18.63 23.06 0.04
C ALA D 185 17.61 22.09 0.64
N PRO D 186 16.86 21.38 -0.23
CA PRO D 186 15.88 20.46 0.28
C PRO D 186 16.51 19.43 1.20
N GLU D 187 17.69 18.94 0.82
CA GLU D 187 18.33 17.86 1.56
C GLU D 187 18.79 18.32 2.94
N ILE D 188 19.24 19.57 3.02
CA ILE D 188 19.64 20.15 4.30
C ILE D 188 18.38 20.33 5.15
N VAL D 189 17.32 20.87 4.56
CA VAL D 189 16.05 21.07 5.23
C VAL D 189 15.57 19.75 5.86
N ASN D 190 15.38 18.72 5.04
CA ASN D 190 14.88 17.42 5.44
C ASN D 190 15.93 16.44 5.98
N TYR D 191 17.03 16.94 6.52
CA TYR D 191 18.10 16.07 6.95
C TYR D 191 17.87 15.57 8.38
N GLU D 192 17.77 14.25 8.54
CA GLU D 192 17.73 13.62 9.86
C GLU D 192 18.98 12.77 10.04
N PRO D 193 19.83 13.09 11.05
CA PRO D 193 21.01 12.23 11.30
C PRO D 193 20.68 10.80 11.75
N LEU D 194 21.68 9.93 11.65
CA LEU D 194 21.60 8.59 12.12
C LEU D 194 21.84 8.64 13.63
N GLY D 195 21.07 7.90 14.41
CA GLY D 195 21.30 7.91 15.85
C GLY D 195 21.31 6.53 16.40
N LEU D 196 20.93 6.41 17.67
CA LEU D 196 20.86 5.11 18.31
C LEU D 196 19.78 4.18 17.74
N GLU D 197 18.75 4.74 17.09
CA GLU D 197 17.61 3.92 16.69
C GLU D 197 17.97 2.92 15.61
N ALA D 198 19.08 3.12 14.91
CA ALA D 198 19.45 2.15 13.89
C ALA D 198 19.86 0.80 14.51
N ASP D 199 20.39 0.83 15.73
CA ASP D 199 20.81 -0.36 16.45
C ASP D 199 19.54 -1.13 16.84
N MET D 200 18.51 -0.41 17.27
CA MET D 200 17.19 -1.02 17.61
C MET D 200 16.63 -1.83 16.45
N TRP D 201 16.64 -1.22 15.25
CA TRP D 201 16.22 -1.91 14.05
C TRP D 201 16.99 -3.19 13.99
N SER D 202 18.30 -3.08 14.16
CA SER D 202 19.14 -4.22 13.99
C SER D 202 18.83 -5.33 15.00
N ILE D 203 18.47 -4.93 16.21
CA ILE D 203 18.03 -5.86 17.25
C ILE D 203 16.74 -6.58 16.79
N GLY D 204 15.83 -5.82 16.20
CA GLY D 204 14.69 -6.43 15.55
C GLY D 204 15.06 -7.52 14.57
N VAL D 205 15.94 -7.20 13.63
CA VAL D 205 16.32 -8.20 12.65
C VAL D 205 16.94 -9.43 13.33
N ILE D 206 17.84 -9.20 14.28
CA ILE D 206 18.44 -10.30 15.07
C ILE D 206 17.35 -11.20 15.71
N THR D 207 16.44 -10.58 16.47
CA THR D 207 15.40 -11.32 17.15
C THR D 207 14.59 -12.18 16.19
N TYR D 208 14.28 -11.65 15.02
CA TYR D 208 13.61 -12.41 13.95
C TYR D 208 14.45 -13.67 13.60
N ILE D 209 15.75 -13.48 13.34
CA ILE D 209 16.58 -14.66 13.01
C ILE D 209 16.58 -15.66 14.16
N LEU D 210 16.70 -15.14 15.39
CA LEU D 210 16.70 -15.97 16.59
C LEU D 210 15.54 -16.97 16.65
N LEU D 211 14.33 -16.51 16.32
CA LEU D 211 13.11 -17.28 16.53
C LEU D 211 12.90 -18.32 15.44
N SER D 212 12.58 -17.87 14.23
CA SER D 212 12.71 -18.67 13.00
C SER D 212 14.17 -18.89 12.78
N GLY D 213 14.55 -19.63 11.74
CA GLY D 213 15.96 -19.56 11.37
C GLY D 213 16.23 -18.62 10.20
N ALA D 214 15.30 -17.72 9.90
CA ALA D 214 15.23 -17.02 8.59
C ALA D 214 15.53 -15.52 8.60
N SER D 215 16.13 -15.04 7.52
CA SER D 215 16.47 -13.60 7.42
C SER D 215 15.33 -12.79 6.81
N PRO D 216 14.73 -11.87 7.62
CA PRO D 216 13.49 -11.12 7.30
C PRO D 216 13.47 -10.40 5.92
N PHE D 217 14.47 -9.60 5.61
CA PHE D 217 14.55 -8.90 4.32
C PHE D 217 15.46 -9.50 3.23
N LEU D 218 16.13 -10.63 3.49
CA LEU D 218 17.02 -11.22 2.47
C LEU D 218 16.24 -11.54 1.22
N GLY D 219 16.85 -11.30 0.06
CA GLY D 219 16.22 -11.59 -1.24
C GLY D 219 17.22 -12.18 -2.22
N ASP D 220 16.74 -12.59 -3.39
CA ASP D 220 17.59 -13.31 -4.33
C ASP D 220 18.84 -12.49 -4.67
N THR D 221 18.64 -11.27 -5.15
CA THR D 221 19.72 -10.31 -5.45
C THR D 221 19.97 -9.31 -4.30
N LYS D 222 21.24 -8.95 -4.07
CA LYS D 222 21.58 -7.91 -3.08
C LYS D 222 20.75 -6.62 -3.24
N GLN D 223 20.62 -6.16 -4.48
CA GLN D 223 19.75 -5.03 -4.85
C GLN D 223 18.29 -5.28 -4.49
N GLU D 224 17.86 -6.54 -4.53
CA GLU D 224 16.51 -6.94 -4.11
C GLU D 224 16.36 -6.93 -2.57
N THR D 225 17.41 -7.32 -1.87
CA THR D 225 17.42 -7.32 -0.42
C THR D 225 17.26 -5.88 0.07
N LEU D 226 18.04 -4.98 -0.55
CA LEU D 226 18.07 -3.56 -0.22
C LEU D 226 16.72 -2.88 -0.39
N ALA D 227 16.01 -3.24 -1.46
CA ALA D 227 14.64 -2.81 -1.63
C ALA D 227 13.69 -3.37 -0.54
N ASN D 228 13.87 -4.63 -0.13
CA ASN D 228 13.01 -5.12 0.96
C ASN D 228 13.20 -4.23 2.21
N VAL D 229 14.48 -3.99 2.54
CA VAL D 229 14.83 -3.23 3.72
C VAL D 229 14.24 -1.83 3.61
N SER D 230 14.50 -1.18 2.49
CA SER D 230 13.92 0.12 2.29
C SER D 230 12.39 0.09 2.39
N ALA D 231 11.76 -0.95 1.87
CA ALA D 231 10.32 -0.96 1.86
C ALA D 231 9.75 -1.49 3.18
N VAL D 232 10.62 -1.97 4.07
CA VAL D 232 10.20 -2.70 5.27
C VAL D 232 9.23 -3.78 4.84
N ASN D 233 9.64 -4.53 3.84
CA ASN D 233 8.81 -5.58 3.33
C ASN D 233 9.22 -6.93 3.90
N TYR D 234 8.55 -7.31 4.98
CA TYR D 234 8.76 -8.60 5.60
C TYR D 234 7.42 -9.09 6.09
N GLU D 235 7.24 -10.40 6.14
CA GLU D 235 6.03 -11.05 6.71
C GLU D 235 6.51 -12.01 7.80
N PHE D 236 5.66 -12.30 8.81
CA PHE D 236 5.90 -13.43 9.72
C PHE D 236 5.27 -14.66 9.08
N GLU D 237 6.06 -15.37 8.28
CA GLU D 237 5.56 -16.54 7.56
C GLU D 237 5.21 -17.71 8.48
N ASP D 238 4.05 -18.31 8.21
CA ASP D 238 3.56 -19.48 8.95
C ASP D 238 4.54 -20.65 9.06
N GLU D 239 5.28 -20.94 7.99
CA GLU D 239 6.34 -21.94 8.06
C GLU D 239 7.26 -21.76 9.26
N TYR D 240 7.28 -20.57 9.84
CA TYR D 240 8.25 -20.27 10.88
C TYR D 240 7.63 -19.78 12.16
N PHE D 241 6.45 -19.18 12.04
CA PHE D 241 5.90 -18.30 13.08
C PHE D 241 4.47 -18.67 13.51
N SER D 242 3.85 -19.59 12.78
CA SER D 242 2.52 -20.05 13.13
C SER D 242 2.26 -20.24 14.65
N ASN D 243 3.24 -20.69 15.43
CA ASN D 243 3.02 -20.85 16.86
C ASN D 243 3.74 -19.85 17.80
N THR D 244 4.61 -19.01 17.23
CA THR D 244 5.23 -17.92 17.96
C THR D 244 4.22 -17.09 18.76
N SER D 245 4.56 -16.80 20.00
CA SER D 245 3.74 -16.01 20.88
C SER D 245 3.50 -14.62 20.33
N ALA D 246 2.30 -14.11 20.62
CA ALA D 246 1.90 -12.71 20.30
C ALA D 246 2.87 -11.69 20.91
N LEU D 247 3.39 -11.97 22.10
CA LEU D 247 4.36 -11.05 22.69
C LEU D 247 5.66 -10.95 21.89
N ALA D 248 6.09 -12.06 21.30
CA ALA D 248 7.31 -12.07 20.50
C ALA D 248 7.06 -11.30 19.24
N LYS D 249 5.97 -11.57 18.55
CA LYS D 249 5.68 -10.79 17.36
C LYS D 249 5.54 -9.31 17.72
N ASP D 250 4.95 -9.03 18.88
CA ASP D 250 4.76 -7.65 19.26
C ASP D 250 6.11 -6.97 19.38
N PHE D 251 7.02 -7.62 20.12
CA PHE D 251 8.39 -7.15 20.27
C PHE D 251 9.06 -6.85 18.93
N ILE D 252 9.06 -7.80 18.00
CA ILE D 252 9.64 -7.53 16.65
C ILE D 252 8.91 -6.42 15.87
N ARG D 253 7.57 -6.39 15.93
CA ARG D 253 6.77 -5.36 15.22
C ARG D 253 7.24 -3.96 15.62
N ARG D 254 7.49 -3.76 16.92
CA ARG D 254 7.82 -2.42 17.38
C ARG D 254 9.23 -1.94 17.06
N LEU D 255 10.06 -2.85 16.53
CA LEU D 255 11.43 -2.51 16.20
C LEU D 255 11.61 -2.32 14.71
N LEU D 256 10.86 -3.06 13.90
CA LEU D 256 11.06 -3.00 12.47
C LEU D 256 10.08 -2.03 11.84
N VAL D 257 10.31 -0.77 12.13
CA VAL D 257 9.41 0.30 11.73
C VAL D 257 10.29 1.25 10.94
N LYS D 258 9.82 1.68 9.78
CA LYS D 258 10.53 2.61 8.90
C LYS D 258 11.02 3.88 9.59
N ASP D 259 10.12 4.63 10.21
CA ASP D 259 10.45 5.94 10.79
C ASP D 259 11.22 5.68 12.08
N PRO D 260 12.47 6.17 12.15
CA PRO D 260 13.33 5.86 13.31
C PRO D 260 12.77 6.35 14.65
N LYS D 261 12.13 7.53 14.66
CA LYS D 261 11.63 8.11 15.92
C LYS D 261 10.41 7.33 16.48
N LYS D 262 9.85 6.46 15.66
CA LYS D 262 8.75 5.58 16.07
C LYS D 262 9.19 4.22 16.66
N ARG D 263 10.42 3.78 16.39
CA ARG D 263 10.90 2.45 16.89
C ARG D 263 11.02 2.46 18.40
N MET D 264 10.98 1.27 19.02
CA MET D 264 11.24 1.19 20.47
C MET D 264 12.62 1.71 20.87
N THR D 265 12.71 2.25 22.08
CA THR D 265 14.03 2.58 22.62
C THR D 265 14.52 1.41 23.46
N ILE D 266 15.83 1.25 23.54
CA ILE D 266 16.43 0.21 24.39
C ILE D 266 15.71 0.05 25.73
N GLN D 267 15.30 1.15 26.35
CA GLN D 267 14.52 1.10 27.59
C GLN D 267 13.10 0.56 27.37
N ASP D 268 12.37 1.12 26.40
CA ASP D 268 11.05 0.59 26.03
C ASP D 268 11.18 -0.93 25.91
N SER D 269 12.34 -1.36 25.41
CA SER D 269 12.54 -2.73 24.96
C SER D 269 12.82 -3.68 26.13
N LEU D 270 13.65 -3.25 27.06
CA LEU D 270 13.85 -3.99 28.28
C LEU D 270 12.62 -4.02 29.18
N GLN D 271 11.71 -3.07 28.98
CA GLN D 271 10.50 -2.99 29.78
C GLN D 271 9.37 -3.83 29.17
N HIS D 272 9.68 -4.47 28.04
CA HIS D 272 8.68 -5.14 27.21
C HIS D 272 8.22 -6.40 27.87
N PRO D 273 6.91 -6.68 27.78
CA PRO D 273 6.37 -7.82 28.52
C PRO D 273 7.00 -9.12 28.09
N TRP D 274 7.58 -9.16 26.90
CA TRP D 274 8.22 -10.36 26.43
C TRP D 274 9.53 -10.57 27.15
N ILE D 275 10.28 -9.49 27.35
CA ILE D 275 11.58 -9.56 28.04
C ILE D 275 11.46 -9.67 29.56
N LYS D 276 10.44 -9.04 30.13
CA LYS D 276 10.26 -9.02 31.59
C LYS D 276 9.68 -10.33 32.11
#